data_2BNX
#
_entry.id   2BNX
#
_cell.length_a   121.365
_cell.length_b   121.365
_cell.length_c   95.096
_cell.angle_alpha   90.00
_cell.angle_beta   90.00
_cell.angle_gamma   120.00
#
_symmetry.space_group_name_H-M   'P 32'
#
loop_
_entity.id
_entity.type
_entity.pdbx_description
1 polymer 'DIAPHANOUS PROTEIN HOMOLOG 1'
2 non-polymer 'CHLORIDE ION'
3 water water
#
_entity_poly.entity_id   1
_entity_poly.type   'polypeptide(L)'
_entity_poly.pdbx_seq_one_letter_code
;ESSRSAMMYIQELRSGLRDMHLLSCLESLRVSLNNNPVSWVQTFGAEGLASLLDILKRLHDEKEETSGNYDSRNQHEIIR
CLKAFMNNKFGIKTMLETEEGILLLVRAMDPAVPNMMIDAAKLLSALCILPQPEDMNERVLEAMTERAEMDEVERFQPLL
DGLKSGTSIALKVGCLQLINALITPAEELDFRVHIRSELMRLGLHQVLQELREIENEDMKVQLCVFDEQGDEDFFDLKGR
LDDIRMEMDDFGEVFQIILNTVKDSKAEPHFLSILQHLLLVRNDYEARPQYYKLIEECVSQIVLHKNGTDPDFKCRHLQI
DIERLVDQMIDKTKVEKSEAKATELEKKLDSELTARHELQVEMKKMENDFEQKLQDLQGEKDALDS
;
_entity_poly.pdbx_strand_id   A,B
#
# COMPACT_ATOMS: atom_id res chain seq x y z
N SER A 3 -49.26 8.66 -37.37
CA SER A 3 -48.15 8.14 -36.49
C SER A 3 -48.52 6.99 -35.51
N ARG A 4 -47.58 6.08 -35.21
CA ARG A 4 -47.82 4.91 -34.30
C ARG A 4 -48.05 5.28 -32.83
N SER A 5 -49.13 4.79 -32.25
CA SER A 5 -49.53 5.12 -30.88
C SER A 5 -48.62 4.49 -29.81
N ALA A 6 -48.52 5.16 -28.67
CA ALA A 6 -47.76 4.62 -27.53
C ALA A 6 -48.30 3.28 -27.03
N MET A 7 -49.62 3.16 -27.02
CA MET A 7 -50.32 1.91 -26.69
C MET A 7 -50.01 0.70 -27.58
N MET A 8 -49.97 0.89 -28.91
CA MET A 8 -49.42 -0.13 -29.84
C MET A 8 -48.04 -0.68 -29.43
N TYR A 9 -47.09 0.23 -29.17
CA TYR A 9 -45.77 -0.13 -28.66
C TYR A 9 -45.78 -0.90 -27.33
N ILE A 10 -46.49 -0.39 -26.34
CA ILE A 10 -46.62 -1.10 -25.06
C ILE A 10 -47.15 -2.55 -25.28
N GLN A 11 -48.20 -2.71 -26.07
CA GLN A 11 -48.72 -4.02 -26.37
C GLN A 11 -47.66 -4.91 -27.02
N GLU A 12 -46.92 -4.38 -28.00
CA GLU A 12 -45.88 -5.17 -28.64
C GLU A 12 -44.76 -5.58 -27.68
N LEU A 13 -44.31 -4.64 -26.86
CA LEU A 13 -43.24 -4.88 -25.90
C LEU A 13 -43.57 -5.97 -24.89
N ARG A 14 -44.86 -6.18 -24.64
CA ARG A 14 -45.30 -7.17 -23.68
C ARG A 14 -45.68 -8.51 -24.33
N SER A 15 -45.47 -8.62 -25.63
CA SER A 15 -45.89 -9.81 -26.35
C SER A 15 -44.76 -10.82 -26.62
N GLY A 16 -43.62 -10.65 -25.93
CA GLY A 16 -42.51 -11.61 -25.99
C GLY A 16 -41.83 -11.65 -27.35
N LEU A 17 -41.52 -10.48 -27.92
CA LEU A 17 -40.66 -10.39 -29.11
C LEU A 17 -39.23 -10.89 -28.83
N ARG A 18 -38.57 -11.45 -29.84
CA ARG A 18 -37.17 -11.89 -29.68
C ARG A 18 -36.30 -11.43 -30.84
N ASP A 19 -35.00 -11.44 -30.63
CA ASP A 19 -34.02 -11.29 -31.72
C ASP A 19 -34.30 -10.06 -32.61
N MET A 20 -34.37 -10.26 -33.94
CA MET A 20 -34.57 -9.18 -34.89
C MET A 20 -35.94 -8.55 -34.82
N HIS A 21 -36.92 -9.29 -34.35
CA HIS A 21 -38.29 -8.75 -34.17
C HIS A 21 -38.38 -7.76 -33.01
N LEU A 22 -37.80 -8.14 -31.88
CA LEU A 22 -37.61 -7.24 -30.76
C LEU A 22 -36.93 -5.94 -31.23
N LEU A 23 -35.84 -6.07 -32.00
CA LEU A 23 -35.06 -4.94 -32.43
C LEU A 23 -35.84 -4.00 -33.36
N SER A 24 -36.61 -4.62 -34.24
CA SER A 24 -37.45 -3.90 -35.18
C SER A 24 -38.40 -2.96 -34.40
N CYS A 25 -39.05 -3.52 -33.39
CA CYS A 25 -39.95 -2.82 -32.51
C CYS A 25 -39.23 -1.72 -31.75
N LEU A 26 -38.06 -2.03 -31.18
CA LEU A 26 -37.33 -1.06 -30.39
C LEU A 26 -36.83 0.12 -31.24
N GLU A 27 -36.38 -0.19 -32.46
CA GLU A 27 -35.95 0.77 -33.45
C GLU A 27 -37.06 1.76 -33.87
N SER A 28 -38.25 1.23 -34.12
CA SER A 28 -39.42 2.03 -34.42
C SER A 28 -39.83 2.91 -33.23
N LEU A 29 -39.92 2.31 -32.04
CA LEU A 29 -40.17 3.07 -30.83
C LEU A 29 -39.16 4.20 -30.58
N ARG A 30 -37.88 3.94 -30.82
CA ARG A 30 -36.85 4.93 -30.64
C ARG A 30 -37.03 6.13 -31.56
N VAL A 31 -37.38 5.87 -32.82
CA VAL A 31 -37.68 6.91 -33.81
C VAL A 31 -38.93 7.71 -33.41
N SER A 32 -39.96 7.02 -32.92
CA SER A 32 -41.16 7.66 -32.38
C SER A 32 -40.84 8.55 -31.15
N LEU A 33 -40.02 8.02 -30.25
CA LEU A 33 -39.60 8.74 -29.05
C LEU A 33 -38.81 10.02 -29.34
N ASN A 34 -37.98 9.98 -30.36
CA ASN A 34 -37.15 11.12 -30.75
C ASN A 34 -37.88 12.11 -31.59
N ASN A 35 -38.96 11.70 -32.28
CA ASN A 35 -39.57 12.60 -33.25
C ASN A 35 -40.95 13.17 -32.84
N ASN A 36 -41.63 12.48 -31.96
CA ASN A 36 -42.92 12.88 -31.42
C ASN A 36 -42.83 13.96 -30.33
N PRO A 37 -43.88 14.77 -30.19
CA PRO A 37 -43.95 15.76 -29.11
C PRO A 37 -43.97 15.10 -27.72
N VAL A 38 -43.55 15.84 -26.68
CA VAL A 38 -43.54 15.34 -25.29
C VAL A 38 -44.93 14.79 -24.89
N SER A 39 -45.94 15.40 -25.46
CA SER A 39 -47.30 14.91 -25.44
C SER A 39 -47.41 13.40 -25.66
N TRP A 40 -46.69 12.92 -26.66
CA TRP A 40 -46.71 11.53 -27.04
C TRP A 40 -45.86 10.72 -26.04
N VAL A 41 -44.73 11.27 -25.62
CA VAL A 41 -43.91 10.58 -24.62
C VAL A 41 -44.69 10.29 -23.33
N GLN A 42 -45.59 11.23 -22.97
CA GLN A 42 -46.42 11.12 -21.79
C GLN A 42 -47.45 10.00 -21.91
N THR A 43 -48.07 9.84 -23.08
CA THR A 43 -48.93 8.69 -23.32
C THR A 43 -48.15 7.37 -23.24
N PHE A 44 -46.85 7.38 -23.57
CA PHE A 44 -45.97 6.21 -23.40
C PHE A 44 -45.78 5.98 -21.90
N GLY A 45 -45.20 6.99 -21.25
CA GLY A 45 -45.33 7.16 -19.79
C GLY A 45 -44.58 6.13 -18.98
N ALA A 46 -44.89 6.09 -17.70
CA ALA A 46 -44.41 5.12 -16.76
C ALA A 46 -44.66 3.67 -17.17
N GLU A 47 -45.86 3.36 -17.70
CA GLU A 47 -46.17 2.02 -18.23
C GLU A 47 -45.17 1.58 -19.33
N GLY A 48 -44.95 2.46 -20.33
CA GLY A 48 -44.00 2.21 -21.41
C GLY A 48 -42.59 2.06 -20.86
N LEU A 49 -42.18 2.96 -20.01
CA LEU A 49 -40.89 2.86 -19.36
C LEU A 49 -40.71 1.50 -18.62
N ALA A 50 -41.72 1.12 -17.84
CA ALA A 50 -41.69 -0.14 -17.08
C ALA A 50 -41.46 -1.36 -17.99
N SER A 51 -42.20 -1.44 -19.09
CA SER A 51 -41.97 -2.46 -20.12
C SER A 51 -40.54 -2.49 -20.69
N LEU A 52 -39.95 -1.32 -20.99
CA LEU A 52 -38.56 -1.28 -21.50
C LEU A 52 -37.57 -1.81 -20.48
N LEU A 53 -37.81 -1.46 -19.23
CA LEU A 53 -36.94 -1.84 -18.12
C LEU A 53 -37.04 -3.32 -17.77
N ASP A 54 -38.23 -3.91 -17.86
CA ASP A 54 -38.39 -5.37 -17.71
C ASP A 54 -37.61 -6.12 -18.74
N ILE A 55 -37.78 -5.77 -20.02
CA ILE A 55 -37.01 -6.37 -21.10
C ILE A 55 -35.49 -6.22 -20.91
N LEU A 56 -35.06 -5.04 -20.55
CA LEU A 56 -33.64 -4.79 -20.29
C LEU A 56 -33.09 -5.66 -19.12
N LYS A 57 -33.85 -5.71 -18.00
CA LYS A 57 -33.61 -6.59 -16.85
C LYS A 57 -33.36 -8.04 -17.31
N ARG A 58 -34.34 -8.61 -17.99
CA ARG A 58 -34.27 -9.98 -18.40
C ARG A 58 -33.20 -10.31 -19.47
N LEU A 59 -32.74 -9.32 -20.25
CA LEU A 59 -31.57 -9.52 -21.12
C LEU A 59 -30.29 -9.43 -20.30
N HIS A 60 -30.23 -8.44 -19.38
CA HIS A 60 -29.07 -8.19 -18.46
C HIS A 60 -28.77 -9.42 -17.64
N ASP A 61 -29.84 -10.16 -17.27
CA ASP A 61 -29.78 -11.32 -16.37
C ASP A 61 -29.36 -12.59 -17.08
N GLU A 62 -29.46 -12.57 -18.41
CA GLU A 62 -29.26 -13.76 -19.26
C GLU A 62 -27.81 -14.22 -19.26
N LYS A 63 -27.58 -15.44 -18.79
CA LYS A 63 -26.23 -16.02 -18.71
C LYS A 63 -25.66 -16.28 -20.12
N GLU A 64 -24.34 -16.12 -20.29
CA GLU A 64 -23.63 -16.30 -21.58
C GLU A 64 -24.09 -17.53 -22.40
N GLU A 65 -24.37 -18.64 -21.73
CA GLU A 65 -24.76 -19.89 -22.41
C GLU A 65 -26.17 -19.92 -23.02
N THR A 66 -27.04 -18.99 -22.62
CA THR A 66 -28.42 -18.92 -23.19
C THR A 66 -28.81 -17.56 -23.78
N SER A 67 -27.83 -16.67 -23.91
CA SER A 67 -28.10 -15.35 -24.49
C SER A 67 -28.30 -15.46 -26.00
N GLY A 68 -29.08 -14.54 -26.56
CA GLY A 68 -29.29 -14.46 -28.01
C GLY A 68 -28.16 -13.71 -28.70
N ASN A 69 -28.06 -13.87 -30.01
CA ASN A 69 -27.05 -13.16 -30.82
C ASN A 69 -27.25 -11.65 -30.91
N TYR A 70 -28.50 -11.20 -30.72
CA TYR A 70 -28.88 -9.80 -30.81
C TYR A 70 -29.11 -9.16 -29.45
N ASP A 71 -28.68 -9.83 -28.37
CA ASP A 71 -28.87 -9.30 -27.00
C ASP A 71 -28.27 -7.92 -26.78
N SER A 72 -26.96 -7.74 -27.07
CA SER A 72 -26.27 -6.44 -27.15
C SER A 72 -27.02 -5.37 -27.91
N ARG A 73 -27.39 -5.69 -29.16
CA ARG A 73 -28.08 -4.76 -30.06
C ARG A 73 -29.34 -4.25 -29.42
N ASN A 74 -30.15 -5.18 -28.91
CA ASN A 74 -31.40 -4.91 -28.19
C ASN A 74 -31.26 -4.15 -26.87
N GLN A 75 -30.29 -4.55 -26.02
CA GLN A 75 -29.96 -3.74 -24.83
C GLN A 75 -29.61 -2.31 -25.26
N HIS A 76 -28.79 -2.18 -26.30
CA HIS A 76 -28.33 -0.90 -26.72
C HIS A 76 -29.45 -0.05 -27.28
N GLU A 77 -30.31 -0.66 -28.09
CA GLU A 77 -31.53 -0.02 -28.58
C GLU A 77 -32.49 0.41 -27.49
N ILE A 78 -32.67 -0.41 -26.44
CA ILE A 78 -33.43 0.07 -25.23
C ILE A 78 -32.80 1.32 -24.61
N ILE A 79 -31.48 1.31 -24.43
CA ILE A 79 -30.75 2.51 -23.92
C ILE A 79 -30.91 3.76 -24.80
N ARG A 80 -31.00 3.57 -26.11
CA ARG A 80 -31.24 4.70 -26.99
C ARG A 80 -32.68 5.19 -26.83
N CYS A 81 -33.62 4.28 -26.64
CA CYS A 81 -34.96 4.66 -26.20
C CYS A 81 -34.97 5.41 -24.90
N LEU A 82 -34.21 4.98 -23.88
CA LEU A 82 -34.19 5.67 -22.58
C LEU A 82 -33.68 7.11 -22.77
N LYS A 83 -32.66 7.24 -23.58
CA LYS A 83 -32.09 8.54 -23.93
C LYS A 83 -33.12 9.51 -24.50
N ALA A 84 -33.82 9.08 -25.55
CA ALA A 84 -34.94 9.81 -26.11
C ALA A 84 -36.02 10.07 -25.06
N PHE A 85 -36.43 9.05 -24.31
CA PHE A 85 -37.49 9.22 -23.30
C PHE A 85 -37.11 10.33 -22.28
N MET A 86 -35.82 10.37 -21.92
CA MET A 86 -35.29 11.28 -20.91
C MET A 86 -34.88 12.66 -21.41
N ASN A 87 -34.96 13.02 -22.69
N ASN A 87 -35.07 12.87 -22.74
CA ASN A 87 -34.44 14.36 -23.10
CA ASN A 87 -34.89 14.12 -23.48
C ASN A 87 -35.42 15.54 -22.73
C ASN A 87 -36.09 15.07 -23.24
N ASN A 88 -36.47 15.21 -21.96
CA ASN A 88 -37.52 16.14 -21.58
C ASN A 88 -37.76 15.98 -20.09
N LYS A 89 -38.49 16.94 -19.50
CA LYS A 89 -38.62 17.05 -18.04
C LYS A 89 -39.49 15.91 -17.47
N PHE A 90 -40.57 15.58 -18.19
CA PHE A 90 -41.47 14.50 -17.77
C PHE A 90 -40.71 13.18 -17.73
N GLY A 91 -39.96 12.91 -18.81
CA GLY A 91 -39.15 11.72 -18.98
C GLY A 91 -38.08 11.50 -17.93
N ILE A 92 -37.25 12.51 -17.62
CA ILE A 92 -36.25 12.31 -16.53
C ILE A 92 -36.93 12.07 -15.20
N LYS A 93 -37.96 12.85 -14.89
CA LYS A 93 -38.71 12.74 -13.65
C LYS A 93 -39.19 11.30 -13.48
N THR A 94 -39.94 10.80 -14.46
CA THR A 94 -40.42 9.43 -14.37
C THR A 94 -39.29 8.39 -14.36
N MET A 95 -38.21 8.61 -15.07
CA MET A 95 -37.06 7.71 -14.92
C MET A 95 -36.53 7.64 -13.45
N LEU A 96 -36.37 8.80 -12.81
CA LEU A 96 -35.93 8.93 -11.41
C LEU A 96 -36.86 8.31 -10.41
N GLU A 97 -38.15 8.41 -10.67
CA GLU A 97 -39.19 7.76 -9.89
C GLU A 97 -39.20 6.22 -9.94
N THR A 98 -38.47 5.59 -10.88
CA THR A 98 -38.45 4.11 -10.94
C THR A 98 -37.64 3.48 -9.82
N GLU A 99 -37.95 2.22 -9.56
CA GLU A 99 -37.26 1.43 -8.55
C GLU A 99 -35.82 1.09 -8.98
N GLU A 100 -35.62 0.90 -10.29
CA GLU A 100 -34.41 0.24 -10.85
C GLU A 100 -33.78 0.90 -12.10
N GLY A 101 -34.35 2.01 -12.57
CA GLY A 101 -33.91 2.61 -13.82
C GLY A 101 -32.43 2.94 -13.83
N ILE A 102 -31.97 3.56 -12.74
CA ILE A 102 -30.58 3.96 -12.63
C ILE A 102 -29.63 2.75 -12.52
N LEU A 103 -30.00 1.73 -11.72
CA LEU A 103 -29.18 0.51 -11.67
C LEU A 103 -29.04 -0.22 -13.04
N LEU A 104 -30.09 -0.20 -13.85
CA LEU A 104 -30.10 -0.87 -15.15
C LEU A 104 -29.24 -0.09 -16.15
N LEU A 105 -29.24 1.21 -16.02
CA LEU A 105 -28.33 2.09 -16.72
C LEU A 105 -26.87 1.82 -16.31
N VAL A 106 -26.61 1.62 -15.01
CA VAL A 106 -25.30 1.22 -14.52
C VAL A 106 -24.87 -0.15 -15.13
N ARG A 107 -25.79 -1.10 -15.17
CA ARG A 107 -25.51 -2.42 -15.74
C ARG A 107 -25.24 -2.41 -17.24
N ALA A 108 -25.78 -1.40 -17.93
CA ALA A 108 -25.54 -1.16 -19.35
C ALA A 108 -24.13 -0.63 -19.61
N MET A 109 -23.45 -0.20 -18.54
CA MET A 109 -22.05 0.20 -18.67
C MET A 109 -21.10 -0.97 -18.76
N ASP A 110 -21.11 -1.57 -19.95
CA ASP A 110 -20.33 -2.73 -20.23
C ASP A 110 -19.30 -2.34 -21.25
N PRO A 111 -18.02 -2.45 -20.87
CA PRO A 111 -16.93 -2.07 -21.76
C PRO A 111 -16.79 -3.00 -22.97
N ALA A 112 -17.29 -4.23 -22.90
CA ALA A 112 -17.32 -5.12 -24.06
C ALA A 112 -18.37 -4.72 -25.14
N VAL A 113 -19.26 -3.79 -24.76
CA VAL A 113 -20.19 -3.13 -25.66
C VAL A 113 -20.12 -1.58 -25.52
N PRO A 114 -18.97 -1.08 -26.00
CA PRO A 114 -18.53 0.28 -25.72
C PRO A 114 -19.47 1.36 -26.20
N ASN A 115 -20.17 1.16 -27.32
CA ASN A 115 -21.15 2.15 -27.78
C ASN A 115 -22.36 2.27 -26.86
N MET A 116 -22.88 1.13 -26.40
CA MET A 116 -23.83 1.16 -25.30
C MET A 116 -23.26 1.79 -24.04
N MET A 117 -22.02 1.46 -23.66
CA MET A 117 -21.41 2.10 -22.48
C MET A 117 -21.29 3.65 -22.59
N ILE A 118 -20.83 4.16 -23.74
CA ILE A 118 -20.87 5.60 -24.00
C ILE A 118 -22.24 6.19 -23.75
N ASP A 119 -23.30 5.59 -24.32
CA ASP A 119 -24.62 6.17 -24.12
C ASP A 119 -25.12 6.11 -22.66
N ALA A 120 -24.85 5.01 -21.96
CA ALA A 120 -25.32 4.83 -20.58
C ALA A 120 -24.57 5.78 -19.66
N ALA A 121 -23.26 5.96 -19.90
CA ALA A 121 -22.43 6.93 -19.14
C ALA A 121 -22.87 8.41 -19.34
N LYS A 122 -23.22 8.78 -20.57
CA LYS A 122 -23.70 10.12 -20.90
C LYS A 122 -25.02 10.42 -20.14
N LEU A 123 -25.90 9.45 -20.03
CA LEU A 123 -27.15 9.55 -19.25
C LEU A 123 -26.92 9.57 -17.73
N LEU A 124 -25.96 8.81 -17.25
CA LEU A 124 -25.65 8.82 -15.81
C LEU A 124 -25.03 10.17 -15.43
N SER A 125 -24.09 10.67 -16.24
CA SER A 125 -23.60 12.06 -16.09
C SER A 125 -24.70 13.11 -16.07
N ALA A 126 -25.63 13.05 -17.00
CA ALA A 126 -26.71 14.03 -17.02
C ALA A 126 -27.51 13.94 -15.73
N LEU A 127 -27.66 12.73 -15.21
CA LEU A 127 -28.40 12.54 -13.98
C LEU A 127 -27.61 13.13 -12.76
N CYS A 128 -26.29 12.91 -12.71
CA CYS A 128 -25.43 13.42 -11.65
C CYS A 128 -25.51 14.93 -11.52
N ILE A 129 -25.62 15.61 -12.66
CA ILE A 129 -25.59 17.08 -12.77
C ILE A 129 -26.96 17.77 -12.55
N LEU A 130 -28.03 16.98 -12.46
CA LEU A 130 -29.35 17.51 -12.09
C LEU A 130 -29.28 18.12 -10.68
N PRO A 131 -29.87 19.30 -10.50
CA PRO A 131 -29.77 20.02 -9.20
C PRO A 131 -30.88 19.61 -8.25
N GLN A 132 -31.96 19.05 -8.79
CA GLN A 132 -33.08 18.44 -8.08
C GLN A 132 -33.37 17.08 -8.70
N PRO A 133 -33.59 16.02 -7.92
CA PRO A 133 -33.38 15.99 -6.46
C PRO A 133 -31.92 16.18 -6.06
N GLU A 134 -31.64 16.25 -4.77
CA GLU A 134 -30.48 16.99 -4.29
C GLU A 134 -29.12 16.31 -4.32
N ASP A 135 -29.10 15.01 -4.13
CA ASP A 135 -27.81 14.34 -4.14
C ASP A 135 -27.80 13.29 -5.25
N MET A 136 -28.04 13.74 -6.49
CA MET A 136 -28.25 12.85 -7.62
C MET A 136 -27.02 12.04 -7.89
N ASN A 137 -25.88 12.67 -7.69
CA ASN A 137 -24.57 12.04 -7.85
C ASN A 137 -24.39 10.89 -6.86
N GLU A 138 -24.98 11.05 -5.67
CA GLU A 138 -24.97 9.98 -4.67
C GLU A 138 -25.97 8.89 -4.95
N ARG A 139 -27.15 9.24 -5.48
CA ARG A 139 -28.05 8.23 -6.08
C ARG A 139 -27.41 7.41 -7.21
N VAL A 140 -26.69 8.07 -8.13
CA VAL A 140 -25.93 7.33 -9.16
C VAL A 140 -24.85 6.44 -8.51
N LEU A 141 -24.09 6.97 -7.55
CA LEU A 141 -23.11 6.16 -6.83
C LEU A 141 -23.70 4.96 -6.06
N GLU A 142 -24.87 5.18 -5.44
CA GLU A 142 -25.60 4.12 -4.76
C GLU A 142 -25.88 2.96 -5.72
N ALA A 143 -26.32 3.28 -6.94
CA ALA A 143 -26.61 2.28 -7.98
C ALA A 143 -25.34 1.52 -8.40
N MET A 144 -24.23 2.24 -8.53
CA MET A 144 -22.94 1.65 -8.83
C MET A 144 -22.47 0.66 -7.76
N THR A 145 -22.72 1.03 -6.50
CA THR A 145 -22.44 0.19 -5.36
C THR A 145 -23.31 -1.06 -5.35
N GLU A 146 -24.64 -0.92 -5.48
CA GLU A 146 -25.54 -2.06 -5.65
C GLU A 146 -25.01 -3.01 -6.72
N ARG A 147 -24.65 -2.49 -7.90
CA ARG A 147 -24.13 -3.34 -8.98
C ARG A 147 -22.87 -4.10 -8.61
N ALA A 148 -21.95 -3.44 -7.91
CA ALA A 148 -20.72 -4.05 -7.44
C ALA A 148 -21.01 -5.14 -6.41
N GLU A 149 -21.96 -4.89 -5.50
CA GLU A 149 -22.37 -5.89 -4.52
C GLU A 149 -22.93 -7.15 -5.21
N MET A 150 -23.80 -6.96 -6.21
CA MET A 150 -24.42 -8.09 -6.94
C MET A 150 -23.40 -8.86 -7.80
N ASP A 151 -22.35 -8.20 -8.32
CA ASP A 151 -21.39 -8.90 -9.20
C ASP A 151 -20.05 -9.23 -8.53
N GLU A 152 -19.90 -8.78 -7.30
CA GLU A 152 -18.66 -8.98 -6.53
C GLU A 152 -17.41 -8.42 -7.26
N VAL A 153 -17.53 -7.16 -7.68
CA VAL A 153 -16.52 -6.49 -8.47
C VAL A 153 -16.29 -5.10 -7.82
N GLU A 154 -15.19 -4.41 -8.13
CA GLU A 154 -15.04 -3.03 -7.62
C GLU A 154 -15.99 -2.12 -8.38
N ARG A 155 -16.69 -1.26 -7.65
CA ARG A 155 -17.75 -0.45 -8.23
C ARG A 155 -17.25 0.52 -9.30
N PHE A 156 -15.99 0.94 -9.18
CA PHE A 156 -15.40 1.81 -10.20
C PHE A 156 -14.60 1.06 -11.27
N GLN A 157 -14.58 -0.28 -11.22
CA GLN A 157 -13.82 -1.01 -12.23
C GLN A 157 -14.26 -0.84 -13.71
N PRO A 158 -15.56 -0.90 -14.03
CA PRO A 158 -16.01 -0.69 -15.42
C PRO A 158 -15.57 0.66 -15.99
N LEU A 159 -15.65 1.71 -15.18
CA LEU A 159 -15.17 3.04 -15.57
C LEU A 159 -13.68 3.01 -15.84
N LEU A 160 -12.90 2.37 -14.98
CA LEU A 160 -11.47 2.24 -15.22
C LEU A 160 -11.19 1.42 -16.48
N ASP A 161 -11.98 0.36 -16.73
CA ASP A 161 -11.80 -0.43 -17.94
C ASP A 161 -12.06 0.41 -19.18
N GLY A 162 -13.02 1.33 -19.09
CA GLY A 162 -13.32 2.25 -20.18
C GLY A 162 -12.21 3.22 -20.53
N LEU A 163 -11.29 3.40 -19.60
CA LEU A 163 -10.15 4.31 -19.77
C LEU A 163 -8.84 3.63 -20.24
N LYS A 164 -8.84 2.28 -20.33
CA LYS A 164 -7.70 1.51 -20.89
C LYS A 164 -7.29 1.98 -22.29
N SER A 165 -6.03 1.76 -22.65
CA SER A 165 -5.43 2.33 -23.86
C SER A 165 -6.14 1.95 -25.17
N GLY A 166 -6.61 0.69 -25.25
CA GLY A 166 -7.29 0.17 -26.44
C GLY A 166 -8.68 0.69 -26.77
N THR A 167 -9.32 1.39 -25.83
CA THR A 167 -10.71 1.85 -26.06
C THR A 167 -10.77 3.07 -27.01
N SER A 168 -11.95 3.37 -27.54
CA SER A 168 -12.09 4.53 -28.38
C SER A 168 -11.97 5.80 -27.49
N ILE A 169 -11.60 6.92 -28.13
CA ILE A 169 -11.52 8.22 -27.47
C ILE A 169 -12.89 8.65 -26.90
N ALA A 170 -13.94 8.45 -27.66
CA ALA A 170 -15.26 8.74 -27.18
C ALA A 170 -15.57 8.02 -25.83
N LEU A 171 -15.17 6.75 -25.70
CA LEU A 171 -15.40 6.00 -24.47
C LEU A 171 -14.55 6.54 -23.31
N LYS A 172 -13.25 6.74 -23.56
CA LYS A 172 -12.40 7.39 -22.54
C LYS A 172 -13.03 8.70 -21.99
N VAL A 173 -13.42 9.58 -22.92
CA VAL A 173 -13.97 10.88 -22.60
C VAL A 173 -15.26 10.74 -21.77
N GLY A 174 -16.15 9.81 -22.15
CA GLY A 174 -17.37 9.58 -21.41
C GLY A 174 -17.14 9.00 -20.00
N CYS A 175 -16.10 8.19 -19.85
CA CYS A 175 -15.76 7.62 -18.53
C CYS A 175 -15.23 8.73 -17.60
N LEU A 176 -14.39 9.61 -18.14
CA LEU A 176 -13.84 10.69 -17.36
C LEU A 176 -14.91 11.75 -17.07
N GLN A 177 -15.77 12.00 -18.05
CA GLN A 177 -16.94 12.83 -17.82
C GLN A 177 -17.82 12.36 -16.63
N LEU A 178 -18.14 11.07 -16.56
CA LEU A 178 -18.89 10.49 -15.46
C LEU A 178 -18.13 10.57 -14.13
N ILE A 179 -16.82 10.35 -14.18
CA ILE A 179 -16.01 10.55 -13.01
C ILE A 179 -16.13 12.02 -12.50
N ASN A 180 -15.95 12.98 -13.37
CA ASN A 180 -16.20 14.36 -13.00
C ASN A 180 -17.60 14.65 -12.47
N ALA A 181 -18.62 14.03 -13.05
CA ALA A 181 -19.99 14.25 -12.63
C ALA A 181 -20.31 13.67 -11.24
N LEU A 182 -19.60 12.63 -10.81
CA LEU A 182 -19.79 12.04 -9.50
C LEU A 182 -19.15 12.89 -8.40
N ILE A 183 -17.98 13.44 -8.71
CA ILE A 183 -17.15 14.17 -7.75
C ILE A 183 -17.51 15.62 -7.62
N THR A 184 -17.47 16.34 -8.74
CA THR A 184 -17.69 17.78 -8.78
C THR A 184 -18.99 18.34 -8.15
N PRO A 185 -20.16 17.72 -8.33
CA PRO A 185 -21.39 18.26 -7.72
C PRO A 185 -21.47 18.07 -6.21
N ALA A 186 -20.62 17.18 -5.67
CA ALA A 186 -20.55 16.95 -4.21
C ALA A 186 -20.19 18.19 -3.37
N GLU A 187 -21.09 18.57 -2.44
CA GLU A 187 -20.80 19.61 -1.45
C GLU A 187 -19.60 19.29 -0.56
N GLU A 188 -19.56 18.05 -0.03
CA GLU A 188 -18.58 17.68 0.98
C GLU A 188 -17.24 17.34 0.35
N LEU A 189 -16.22 18.05 0.84
CA LEU A 189 -14.82 17.77 0.53
C LEU A 189 -14.38 16.33 0.84
N ASP A 190 -14.87 15.79 1.97
CA ASP A 190 -14.57 14.43 2.41
C ASP A 190 -15.00 13.35 1.41
N PHE A 191 -16.25 13.45 0.96
CA PHE A 191 -16.77 12.65 -0.15
C PHE A 191 -15.83 12.66 -1.38
N ARG A 192 -15.47 13.84 -1.88
CA ARG A 192 -14.68 13.99 -3.10
C ARG A 192 -13.30 13.37 -2.98
N VAL A 193 -12.66 13.53 -1.81
CA VAL A 193 -11.32 12.99 -1.60
C VAL A 193 -11.39 11.48 -1.46
N HIS A 194 -12.44 11.03 -0.77
CA HIS A 194 -12.72 9.60 -0.62
C HIS A 194 -12.86 8.92 -1.99
N ILE A 195 -13.75 9.45 -2.83
CA ILE A 195 -14.01 8.92 -4.19
C ILE A 195 -12.77 9.02 -5.07
N ARG A 196 -12.12 10.17 -5.04
CA ARG A 196 -10.88 10.38 -5.80
C ARG A 196 -9.79 9.38 -5.39
N SER A 197 -9.59 9.21 -4.07
CA SER A 197 -8.56 8.25 -3.58
C SER A 197 -8.90 6.82 -3.93
N GLU A 198 -10.20 6.50 -3.92
CA GLU A 198 -10.69 5.20 -4.38
C GLU A 198 -10.36 4.93 -5.85
N LEU A 199 -10.54 5.90 -6.73
CA LEU A 199 -10.17 5.72 -8.13
C LEU A 199 -8.68 5.49 -8.28
N MET A 200 -7.87 6.22 -7.53
CA MET A 200 -6.43 6.12 -7.58
C MET A 200 -5.91 4.77 -7.17
N ARG A 201 -6.45 4.20 -6.09
CA ARG A 201 -6.09 2.83 -5.66
C ARG A 201 -6.45 1.78 -6.71
N LEU A 202 -7.34 2.13 -7.64
CA LEU A 202 -7.73 1.20 -8.72
C LEU A 202 -6.82 1.34 -9.94
N GLY A 203 -5.92 2.33 -9.90
CA GLY A 203 -4.97 2.56 -10.97
C GLY A 203 -5.27 3.79 -11.83
N LEU A 204 -6.01 4.78 -11.31
CA LEU A 204 -6.34 5.96 -12.10
C LEU A 204 -5.11 6.80 -12.48
N HIS A 205 -4.10 6.86 -11.61
CA HIS A 205 -2.96 7.76 -11.84
C HIS A 205 -2.19 7.47 -13.10
N GLN A 206 -1.88 6.20 -13.34
CA GLN A 206 -1.13 5.79 -14.51
C GLN A 206 -1.98 5.95 -15.75
N VAL A 207 -3.28 5.68 -15.62
CA VAL A 207 -4.23 5.92 -16.68
C VAL A 207 -4.19 7.40 -17.08
N LEU A 208 -4.22 8.29 -16.07
CA LEU A 208 -4.20 9.73 -16.30
C LEU A 208 -2.95 10.13 -17.07
N GLN A 209 -1.82 9.56 -16.68
CA GLN A 209 -0.57 9.80 -17.38
C GLN A 209 -0.70 9.48 -18.87
N GLU A 210 -1.35 8.37 -19.20
CA GLU A 210 -1.63 7.94 -20.59
C GLU A 210 -2.58 8.90 -21.29
N LEU A 211 -3.69 9.22 -20.61
CA LEU A 211 -4.72 10.14 -21.09
C LEU A 211 -4.20 11.55 -21.40
N ARG A 212 -3.20 12.02 -20.65
CA ARG A 212 -2.55 13.33 -20.91
C ARG A 212 -1.77 13.39 -22.24
N GLU A 213 -1.55 12.23 -22.87
CA GLU A 213 -0.81 12.24 -24.13
C GLU A 213 -1.75 12.27 -25.34
N ILE A 214 -3.07 12.26 -25.10
CA ILE A 214 -4.02 12.20 -26.22
C ILE A 214 -4.34 13.58 -26.83
N GLU A 215 -4.10 13.70 -28.14
CA GLU A 215 -4.39 14.92 -28.90
C GLU A 215 -5.89 15.01 -29.19
N ASN A 216 -6.67 15.37 -28.17
CA ASN A 216 -8.13 15.47 -28.31
C ASN A 216 -8.62 16.53 -27.35
N GLU A 217 -9.45 17.44 -27.86
CA GLU A 217 -9.86 18.62 -27.10
C GLU A 217 -10.80 18.30 -25.96
N ASP A 218 -11.71 17.36 -26.19
CA ASP A 218 -12.67 16.96 -25.18
C ASP A 218 -12.03 16.22 -24.02
N MET A 219 -11.01 15.43 -24.30
CA MET A 219 -10.27 14.73 -23.27
C MET A 219 -9.51 15.76 -22.45
N LYS A 220 -8.93 16.75 -23.13
CA LYS A 220 -8.18 17.82 -22.45
C LYS A 220 -9.06 18.61 -21.50
N VAL A 221 -10.31 18.82 -21.90
CA VAL A 221 -11.29 19.51 -21.11
C VAL A 221 -11.65 18.68 -19.88
N GLN A 222 -11.90 17.38 -20.05
CA GLN A 222 -12.27 16.56 -18.90
C GLN A 222 -11.15 16.40 -17.92
N LEU A 223 -9.91 16.27 -18.42
CA LEU A 223 -8.71 16.27 -17.59
C LEU A 223 -8.54 17.56 -16.78
N CYS A 224 -8.70 18.68 -17.45
CA CYS A 224 -8.68 19.97 -16.83
C CYS A 224 -9.69 20.10 -15.70
N VAL A 225 -10.89 19.59 -15.91
CA VAL A 225 -11.96 19.71 -14.93
C VAL A 225 -11.60 18.84 -13.77
N PHE A 226 -11.02 17.67 -14.05
CA PHE A 226 -10.57 16.77 -13.01
C PHE A 226 -9.44 17.38 -12.16
N ASP A 227 -8.48 18.01 -12.81
CA ASP A 227 -7.40 18.73 -12.13
C ASP A 227 -7.86 19.94 -11.31
N GLU A 228 -8.69 20.80 -11.90
CA GLU A 228 -9.27 21.96 -11.19
C GLU A 228 -9.87 21.54 -9.85
N GLN A 229 -10.62 20.45 -9.86
CA GLN A 229 -11.34 20.01 -8.67
C GLN A 229 -10.39 19.45 -7.58
N GLY A 230 -9.40 18.64 -7.98
CA GLY A 230 -8.29 18.27 -7.13
C GLY A 230 -7.54 19.42 -6.46
N ASP A 231 -7.23 20.45 -7.23
CA ASP A 231 -6.62 21.69 -6.75
C ASP A 231 -7.50 22.46 -5.78
N GLU A 232 -8.78 22.63 -6.12
CA GLU A 232 -9.73 23.25 -5.20
C GLU A 232 -9.82 22.51 -3.88
N ASP A 233 -9.83 21.18 -3.93
CA ASP A 233 -9.86 20.34 -2.73
C ASP A 233 -8.58 20.44 -1.89
N PHE A 234 -7.43 20.55 -2.56
CA PHE A 234 -6.17 20.77 -1.90
C PHE A 234 -6.22 22.09 -1.08
N PHE A 235 -6.78 23.15 -1.68
CA PHE A 235 -6.86 24.44 -1.02
C PHE A 235 -7.89 24.51 0.08
N ASP A 236 -9.01 23.80 -0.11
CA ASP A 236 -10.00 23.66 0.96
C ASP A 236 -9.42 22.92 2.17
N LEU A 237 -8.60 21.91 1.92
CA LEU A 237 -7.91 21.15 2.98
C LEU A 237 -6.82 21.98 3.64
N LYS A 238 -6.14 22.80 2.82
CA LYS A 238 -5.11 23.69 3.31
C LYS A 238 -5.72 24.76 4.24
N GLY A 239 -6.93 25.23 3.89
CA GLY A 239 -7.70 26.10 4.77
C GLY A 239 -8.11 25.42 6.07
N ARG A 240 -8.51 24.15 6.02
CA ARG A 240 -8.79 23.37 7.26
C ARG A 240 -7.60 23.21 8.19
N LEU A 241 -6.41 23.17 7.61
CA LEU A 241 -5.17 23.05 8.38
C LEU A 241 -4.85 24.36 9.06
N ASP A 242 -5.03 25.50 8.39
CA ASP A 242 -4.93 26.81 9.05
C ASP A 242 -5.90 26.96 10.22
N ASP A 243 -7.17 26.58 10.04
CA ASP A 243 -8.12 26.58 11.15
C ASP A 243 -7.58 25.80 12.35
N ILE A 244 -7.09 24.57 12.10
CA ILE A 244 -6.48 23.72 13.15
C ILE A 244 -5.27 24.39 13.77
N ARG A 245 -4.37 24.93 12.94
CA ARG A 245 -3.17 25.60 13.43
C ARG A 245 -3.52 26.80 14.34
N MET A 246 -4.64 27.46 14.06
CA MET A 246 -5.16 28.58 14.90
C MET A 246 -5.89 28.12 16.17
N GLU A 247 -6.75 27.11 16.11
CA GLU A 247 -7.46 26.63 17.32
C GLU A 247 -6.56 25.81 18.23
N MET A 248 -5.79 24.89 17.68
CA MET A 248 -5.09 23.85 18.44
C MET A 248 -3.66 24.18 18.70
N ASP A 249 -3.42 24.97 19.73
CA ASP A 249 -2.10 25.48 20.00
C ASP A 249 -1.62 25.09 21.41
N ASP A 250 -2.39 24.23 22.06
CA ASP A 250 -2.02 23.68 23.36
C ASP A 250 -1.52 22.25 23.17
N PHE A 251 -0.24 22.04 23.48
CA PHE A 251 0.43 20.73 23.35
C PHE A 251 -0.33 19.54 23.95
N GLY A 252 -0.83 19.69 25.17
CA GLY A 252 -1.54 18.63 25.86
C GLY A 252 -2.90 18.29 25.28
N GLU A 253 -3.60 19.31 24.80
CA GLU A 253 -4.92 19.16 24.20
C GLU A 253 -4.86 18.52 22.81
N VAL A 254 -3.88 18.93 22.00
CA VAL A 254 -3.67 18.36 20.68
C VAL A 254 -3.34 16.88 20.80
N PHE A 255 -2.47 16.56 21.75
CA PHE A 255 -2.06 15.20 22.05
C PHE A 255 -3.26 14.33 22.52
N GLN A 256 -4.04 14.85 23.44
CA GLN A 256 -5.27 14.20 23.88
C GLN A 256 -6.22 13.91 22.74
N ILE A 257 -6.47 14.90 21.88
CA ILE A 257 -7.34 14.68 20.71
C ILE A 257 -6.83 13.59 19.73
N ILE A 258 -5.51 13.53 19.52
CA ILE A 258 -4.90 12.51 18.65
C ILE A 258 -5.14 11.12 19.20
N LEU A 259 -4.92 10.95 20.50
CA LEU A 259 -5.16 9.70 21.23
C LEU A 259 -6.62 9.28 21.22
N ASN A 260 -7.53 10.26 21.33
CA ASN A 260 -8.95 9.98 21.21
C ASN A 260 -9.27 9.41 19.81
N THR A 261 -8.75 10.08 18.79
CA THR A 261 -8.97 9.73 17.38
C THR A 261 -8.47 8.33 17.08
N VAL A 262 -7.31 8.00 17.62
CA VAL A 262 -6.48 6.87 17.22
C VAL A 262 -6.74 5.65 18.11
N LYS A 263 -7.43 5.89 19.21
CA LYS A 263 -7.83 4.88 20.21
C LYS A 263 -8.42 3.56 19.65
N ASP A 264 -7.86 2.43 20.09
CA ASP A 264 -8.29 1.09 19.66
C ASP A 264 -8.40 0.93 18.13
N SER A 265 -7.53 1.61 17.37
CA SER A 265 -7.51 1.41 15.94
C SER A 265 -6.10 0.97 15.52
N LYS A 266 -5.95 0.48 14.30
CA LYS A 266 -4.62 0.08 13.82
C LYS A 266 -3.64 1.28 13.73
N ALA A 267 -4.16 2.51 13.82
CA ALA A 267 -3.32 3.72 13.86
C ALA A 267 -2.57 3.93 15.19
N GLU A 268 -3.12 3.44 16.30
CA GLU A 268 -2.51 3.62 17.61
C GLU A 268 -1.03 3.16 17.80
N PRO A 269 -0.67 1.95 17.39
CA PRO A 269 0.73 1.52 17.41
C PRO A 269 1.66 2.34 16.51
N HIS A 270 1.16 2.84 15.36
CA HIS A 270 1.91 3.76 14.53
C HIS A 270 2.11 5.13 15.19
N PHE A 271 1.11 5.64 15.90
CA PHE A 271 1.31 6.87 16.62
C PHE A 271 2.42 6.70 17.67
N LEU A 272 2.39 5.62 18.45
CA LEU A 272 3.41 5.40 19.47
C LEU A 272 4.80 5.36 18.82
N SER A 273 4.92 4.57 17.77
CA SER A 273 6.15 4.49 17.02
C SER A 273 6.65 5.85 16.51
N ILE A 274 5.77 6.71 16.01
CA ILE A 274 6.17 8.10 15.63
C ILE A 274 6.86 8.82 16.80
N LEU A 275 6.20 8.82 17.96
CA LEU A 275 6.71 9.43 19.17
C LEU A 275 8.02 8.81 19.64
N GLN A 276 8.04 7.48 19.73
CA GLN A 276 9.25 6.73 20.07
C GLN A 276 10.44 7.09 19.17
N HIS A 277 10.21 7.25 17.88
CA HIS A 277 11.29 7.69 16.96
C HIS A 277 11.71 9.16 17.09
N LEU A 278 10.75 10.03 17.39
CA LEU A 278 11.10 11.41 17.75
C LEU A 278 12.18 11.50 18.85
N LEU A 279 12.06 10.68 19.87
CA LEU A 279 12.99 10.55 20.98
C LEU A 279 14.44 10.22 20.51
N LEU A 280 14.57 9.78 19.26
CA LEU A 280 15.83 9.35 18.69
C LEU A 280 16.50 10.36 17.71
N VAL A 281 15.78 11.48 17.53
N VAL A 281 15.92 11.53 17.38
CA VAL A 281 16.32 12.63 16.87
CA VAL A 281 16.35 12.28 16.12
C VAL A 281 17.56 13.06 17.63
C VAL A 281 17.86 12.62 15.79
N ARG A 282 18.60 12.94 16.84
CA ARG A 282 19.92 13.58 16.97
C ARG A 282 19.89 14.69 18.03
N ASN A 283 20.49 14.33 19.15
CA ASN A 283 20.52 15.08 20.37
C ASN A 283 21.66 16.11 20.26
N ASP A 284 21.49 17.04 19.33
CA ASP A 284 22.54 17.92 18.89
C ASP A 284 21.89 19.30 18.66
N TYR A 285 22.45 20.31 19.31
CA TYR A 285 21.85 21.63 19.37
C TYR A 285 21.54 22.30 18.02
N GLU A 286 22.51 22.31 17.10
CA GLU A 286 22.21 22.87 15.78
C GLU A 286 21.45 21.96 14.80
N ALA A 287 21.57 20.62 14.98
CA ALA A 287 20.95 19.68 14.06
C ALA A 287 19.48 19.37 14.37
N ARG A 288 19.11 19.34 15.65
CA ARG A 288 17.79 18.87 16.06
C ARG A 288 16.61 19.69 15.48
N PRO A 289 16.67 21.04 15.51
CA PRO A 289 15.66 21.88 14.83
C PRO A 289 15.50 21.59 13.33
N GLN A 290 16.62 21.32 12.65
CA GLN A 290 16.61 21.03 11.20
C GLN A 290 15.88 19.72 10.94
N TYR A 291 16.23 18.70 11.72
CA TYR A 291 15.55 17.43 11.70
C TYR A 291 14.05 17.51 11.90
N TYR A 292 13.58 18.28 12.89
CA TYR A 292 12.16 18.47 13.15
C TYR A 292 11.45 19.24 12.05
N LYS A 293 12.19 20.15 11.40
CA LYS A 293 11.69 20.93 10.26
C LYS A 293 11.47 20.01 9.07
N LEU A 294 12.44 19.13 8.84
CA LEU A 294 12.45 18.22 7.72
C LEU A 294 11.28 17.23 7.86
N ILE A 295 11.14 16.67 9.07
CA ILE A 295 9.98 15.85 9.42
C ILE A 295 8.69 16.60 9.20
N GLU A 296 8.62 17.84 9.67
CA GLU A 296 7.41 18.63 9.45
C GLU A 296 7.12 18.79 7.96
N GLU A 297 8.15 19.07 7.16
CA GLU A 297 8.01 19.17 5.72
C GLU A 297 7.39 17.91 5.17
N CYS A 298 7.85 16.78 5.64
CA CYS A 298 7.37 15.50 5.14
C CYS A 298 5.93 15.17 5.52
N VAL A 299 5.64 15.25 6.83
CA VAL A 299 4.30 15.05 7.36
C VAL A 299 3.34 16.02 6.64
N SER A 300 3.81 17.25 6.44
CA SER A 300 3.03 18.25 5.70
C SER A 300 2.57 17.75 4.33
N GLN A 301 3.52 17.26 3.55
CA GLN A 301 3.24 16.81 2.20
C GLN A 301 2.52 15.43 2.10
N ILE A 302 2.50 14.69 3.19
CA ILE A 302 1.74 13.46 3.26
C ILE A 302 0.26 13.79 3.55
N VAL A 303 0.04 14.53 4.62
CA VAL A 303 -1.29 14.75 5.13
C VAL A 303 -2.07 15.79 4.30
N LEU A 304 -1.35 16.72 3.69
CA LEU A 304 -1.90 17.73 2.82
C LEU A 304 -1.39 17.35 1.45
N HIS A 305 -1.88 16.22 0.96
CA HIS A 305 -1.38 15.65 -0.27
C HIS A 305 -1.84 16.36 -1.51
N LYS A 306 -0.91 16.59 -2.43
CA LYS A 306 -1.22 17.38 -3.60
C LYS A 306 -2.31 16.69 -4.45
N ASN A 307 -3.07 17.55 -5.13
CA ASN A 307 -4.18 17.14 -6.00
C ASN A 307 -5.38 16.49 -5.29
N GLY A 308 -5.54 16.72 -4.00
CA GLY A 308 -6.68 16.24 -3.25
C GLY A 308 -6.92 14.73 -3.20
N THR A 309 -5.84 13.94 -3.15
CA THR A 309 -5.94 12.49 -2.93
C THR A 309 -4.97 11.99 -1.90
N ASP A 310 -5.37 10.90 -1.23
CA ASP A 310 -4.49 10.14 -0.35
C ASP A 310 -3.17 9.87 -1.04
N PRO A 311 -2.09 9.80 -0.26
CA PRO A 311 -0.84 9.21 -0.75
C PRO A 311 -1.14 7.79 -1.23
N ASP A 312 -0.46 7.38 -2.30
CA ASP A 312 -0.52 6.02 -2.79
C ASP A 312 0.29 5.16 -1.80
N PHE A 313 -0.41 4.40 -0.96
CA PHE A 313 0.19 3.61 0.08
C PHE A 313 0.84 2.33 -0.46
N LYS A 314 0.59 1.96 -1.72
CA LYS A 314 1.25 0.78 -2.27
C LYS A 314 2.59 1.12 -2.91
N CYS A 315 2.82 2.39 -3.13
CA CYS A 315 4.03 2.87 -3.77
C CYS A 315 5.27 2.73 -2.87
N ARG A 316 6.40 2.38 -3.47
CA ARG A 316 7.67 2.31 -2.75
C ARG A 316 8.15 3.71 -2.32
N HIS A 317 8.29 4.61 -3.28
CA HIS A 317 8.87 5.92 -3.04
C HIS A 317 7.84 7.04 -2.98
N LEU A 318 8.19 8.05 -2.19
CA LEU A 318 7.34 9.19 -1.91
C LEU A 318 8.17 10.41 -2.33
N GLN A 319 7.67 11.14 -3.32
CA GLN A 319 8.28 12.39 -3.77
C GLN A 319 7.92 13.52 -2.81
N ILE A 320 8.95 14.17 -2.28
CA ILE A 320 8.76 15.29 -1.36
C ILE A 320 9.50 16.42 -2.05
N ASP A 321 8.83 17.57 -2.21
CA ASP A 321 9.48 18.83 -2.62
C ASP A 321 10.45 19.33 -1.54
N ILE A 322 11.76 19.27 -1.82
CA ILE A 322 12.80 19.67 -0.84
C ILE A 322 13.47 21.02 -1.13
N GLU A 323 13.22 21.60 -2.30
CA GLU A 323 13.81 22.89 -2.69
C GLU A 323 13.42 24.00 -1.73
N ARG A 324 12.31 23.84 -1.02
CA ARG A 324 11.82 24.83 -0.04
C ARG A 324 12.62 24.84 1.30
N LEU A 325 13.46 23.85 1.51
CA LEU A 325 14.20 23.72 2.78
C LEU A 325 15.67 24.17 2.70
N VAL A 326 16.22 24.07 1.50
CA VAL A 326 17.65 24.15 1.27
C VAL A 326 18.07 25.37 0.43
N LYS A 332 27.25 25.70 -1.52
CA LYS A 332 28.99 25.52 -2.15
C LYS A 332 29.86 26.00 -0.98
N THR A 333 31.11 26.37 -1.27
CA THR A 333 32.04 26.96 -0.29
C THR A 333 31.63 28.38 0.11
N LYS A 334 30.37 28.71 -0.17
CA LYS A 334 29.77 30.01 0.19
C LYS A 334 29.54 30.18 1.70
N VAL A 335 29.55 29.08 2.45
CA VAL A 335 29.48 29.13 3.92
C VAL A 335 30.83 29.55 4.53
N GLU A 336 31.94 29.06 3.94
CA GLU A 336 33.28 29.35 4.42
C GLU A 336 33.68 30.81 4.16
N LYS A 337 33.32 31.32 2.99
CA LYS A 337 33.67 32.69 2.58
C LYS A 337 32.83 33.78 3.25
N SER A 338 31.65 33.41 3.74
CA SER A 338 30.76 34.33 4.47
C SER A 338 31.15 34.50 5.93
N GLU A 339 31.64 33.40 6.52
CA GLU A 339 32.19 33.43 7.86
C GLU A 339 33.51 34.20 7.86
N ALA A 340 34.10 34.37 6.67
CA ALA A 340 35.36 35.09 6.48
C ALA A 340 35.21 36.60 6.72
N LYS A 341 33.97 37.09 6.68
CA LYS A 341 33.64 38.42 7.22
C LYS A 341 33.73 38.40 8.75
N ALA A 342 34.65 37.56 9.27
CA ALA A 342 35.15 37.66 10.65
C ALA A 342 36.13 38.85 10.71
N THR A 343 36.63 39.25 9.52
CA THR A 343 37.23 40.57 9.35
C THR A 343 36.22 41.62 9.93
N GLU A 344 36.89 42.35 11.02
CA GLU A 344 36.14 43.40 11.74
C GLU A 344 37.03 43.87 12.94
N LEU A 345 36.82 43.22 14.14
N SER B 3 32.96 -41.25 -6.73
CA SER B 3 31.88 -40.33 -6.30
C SER B 3 30.97 -39.79 -7.42
N ARG B 4 29.80 -39.29 -7.02
CA ARG B 4 28.89 -38.63 -7.95
C ARG B 4 29.40 -37.21 -8.16
N SER B 5 29.52 -36.79 -9.41
CA SER B 5 30.07 -35.49 -9.70
C SER B 5 29.04 -34.37 -9.50
N ALA B 6 29.54 -33.15 -9.32
CA ALA B 6 28.71 -31.97 -9.22
C ALA B 6 27.82 -31.75 -10.44
N MET B 7 28.35 -32.00 -11.65
CA MET B 7 27.56 -31.91 -12.88
C MET B 7 26.39 -32.91 -12.94
N MET B 8 26.62 -34.15 -12.54
CA MET B 8 25.55 -35.16 -12.45
C MET B 8 24.37 -34.67 -11.60
N TYR B 9 24.68 -34.15 -10.40
CA TYR B 9 23.68 -33.54 -9.52
C TYR B 9 22.98 -32.36 -10.14
N ILE B 10 23.72 -31.48 -10.78
CA ILE B 10 23.10 -30.35 -11.44
C ILE B 10 22.10 -30.81 -12.53
N GLN B 11 22.51 -31.77 -13.35
CA GLN B 11 21.60 -32.40 -14.30
C GLN B 11 20.38 -33.05 -13.66
N GLU B 12 20.58 -33.86 -12.63
CA GLU B 12 19.47 -34.50 -11.91
C GLU B 12 18.50 -33.44 -11.38
N LEU B 13 19.06 -32.38 -10.80
CA LEU B 13 18.25 -31.31 -10.21
C LEU B 13 17.40 -30.60 -11.26
N ARG B 14 17.81 -30.71 -12.52
CA ARG B 14 17.12 -30.09 -13.66
C ARG B 14 16.24 -31.00 -14.50
N SER B 15 16.15 -32.30 -14.18
CA SER B 15 15.07 -33.11 -14.76
C SER B 15 13.85 -32.72 -13.90
N GLY B 16 12.77 -33.45 -13.92
CA GLY B 16 11.68 -33.01 -13.04
C GLY B 16 11.47 -34.08 -12.02
N LEU B 17 12.46 -34.23 -11.11
CA LEU B 17 12.42 -35.27 -10.08
C LEU B 17 11.32 -34.91 -9.12
N ARG B 18 10.60 -35.92 -8.64
CA ARG B 18 9.46 -35.71 -7.77
C ARG B 18 9.50 -36.59 -6.54
N ASP B 19 8.80 -36.16 -5.49
CA ASP B 19 8.51 -37.02 -4.35
C ASP B 19 9.81 -37.59 -3.72
N MET B 20 9.78 -38.91 -3.44
CA MET B 20 10.91 -39.65 -2.92
C MET B 20 12.14 -39.66 -3.82
N HIS B 21 11.96 -39.52 -5.13
CA HIS B 21 13.09 -39.44 -6.05
C HIS B 21 13.87 -38.15 -5.92
N LEU B 22 13.16 -37.02 -5.90
CA LEU B 22 13.77 -35.76 -5.56
C LEU B 22 14.47 -35.88 -4.20
N LEU B 23 13.78 -36.38 -3.18
CA LEU B 23 14.36 -36.49 -1.85
C LEU B 23 15.69 -37.28 -1.85
N SER B 24 15.75 -38.40 -2.58
CA SER B 24 16.99 -39.15 -2.49
C SER B 24 18.15 -38.50 -3.28
N CYS B 25 17.83 -37.73 -4.32
CA CYS B 25 18.79 -36.88 -4.95
C CYS B 25 19.33 -35.88 -3.94
N LEU B 26 18.42 -35.16 -3.29
CA LEU B 26 18.79 -34.12 -2.33
C LEU B 26 19.58 -34.71 -1.17
N GLU B 27 19.13 -35.85 -0.64
CA GLU B 27 19.82 -36.54 0.45
C GLU B 27 21.26 -36.93 0.07
N SER B 28 21.50 -37.52 -1.10
CA SER B 28 22.91 -37.82 -1.46
C SER B 28 23.74 -36.57 -1.71
N LEU B 29 23.15 -35.57 -2.36
CA LEU B 29 23.74 -34.25 -2.51
C LEU B 29 24.27 -33.64 -1.20
N ARG B 30 23.46 -33.68 -0.15
CA ARG B 30 23.87 -33.22 1.17
C ARG B 30 25.11 -33.94 1.69
N VAL B 31 25.13 -35.27 1.59
CA VAL B 31 26.22 -36.15 2.00
C VAL B 31 27.50 -35.83 1.20
N SER B 32 27.34 -35.56 -0.10
CA SER B 32 28.44 -35.12 -0.98
C SER B 32 29.01 -33.79 -0.49
N LEU B 33 28.12 -32.86 -0.19
CA LEU B 33 28.52 -31.54 0.27
C LEU B 33 29.22 -31.59 1.64
N ASN B 34 28.80 -32.48 2.52
CA ASN B 34 29.43 -32.61 3.82
C ASN B 34 30.71 -33.44 3.80
N ASN B 35 30.88 -34.28 2.80
CA ASN B 35 32.00 -35.19 2.79
C ASN B 35 33.13 -34.92 1.81
N ASN B 36 32.84 -34.24 0.70
CA ASN B 36 33.88 -34.00 -0.32
C ASN B 36 34.78 -32.80 0.05
N PRO B 37 35.97 -32.70 -0.54
CA PRO B 37 36.82 -31.51 -0.36
C PRO B 37 36.13 -30.21 -0.80
N VAL B 38 36.55 -29.06 -0.25
CA VAL B 38 36.03 -27.74 -0.72
C VAL B 38 36.27 -27.50 -2.24
N SER B 39 37.30 -28.10 -2.84
CA SER B 39 37.39 -28.03 -4.30
C SER B 39 36.09 -28.59 -4.96
N TRP B 40 35.43 -29.54 -4.30
CA TRP B 40 34.20 -30.14 -4.84
C TRP B 40 32.98 -29.20 -4.81
N VAL B 41 32.80 -28.51 -3.69
CA VAL B 41 31.74 -27.52 -3.55
C VAL B 41 31.83 -26.40 -4.60
N GLN B 42 33.07 -26.00 -4.93
CA GLN B 42 33.34 -25.04 -5.99
C GLN B 42 32.95 -25.52 -7.36
N THR B 43 33.07 -26.83 -7.58
CA THR B 43 32.58 -27.45 -8.81
C THR B 43 31.06 -27.42 -8.90
N PHE B 44 30.37 -27.60 -7.78
CA PHE B 44 28.92 -27.46 -7.68
C PHE B 44 28.54 -26.00 -7.90
N GLY B 45 29.06 -25.12 -7.02
CA GLY B 45 29.21 -23.71 -7.29
C GLY B 45 27.89 -22.97 -7.37
N ALA B 46 27.95 -21.79 -8.01
CA ALA B 46 26.82 -20.87 -8.13
C ALA B 46 25.67 -21.49 -8.94
N GLU B 47 26.06 -22.27 -9.92
CA GLU B 47 25.13 -22.97 -10.78
C GLU B 47 24.36 -24.11 -10.09
N GLY B 48 25.07 -24.93 -9.33
CA GLY B 48 24.39 -25.90 -8.46
C GLY B 48 23.54 -25.20 -7.40
N LEU B 49 24.08 -24.13 -6.82
CA LEU B 49 23.28 -23.29 -5.89
C LEU B 49 21.99 -22.77 -6.52
N ALA B 50 22.07 -22.13 -7.69
CA ALA B 50 20.89 -21.53 -8.36
C ALA B 50 19.82 -22.58 -8.61
N SER B 51 20.23 -23.78 -9.01
CA SER B 51 19.28 -24.83 -9.33
C SER B 51 18.56 -25.41 -8.07
N LEU B 52 19.29 -25.55 -6.97
CA LEU B 52 18.68 -25.71 -5.62
C LEU B 52 17.67 -24.62 -5.21
N LEU B 53 18.06 -23.35 -5.39
CA LEU B 53 17.19 -22.23 -5.03
C LEU B 53 15.94 -22.16 -5.91
N ASP B 54 16.08 -22.51 -7.18
CA ASP B 54 14.95 -22.72 -8.11
C ASP B 54 13.90 -23.72 -7.66
N ILE B 55 14.32 -24.93 -7.27
CA ILE B 55 13.41 -25.94 -6.76
C ILE B 55 12.73 -25.41 -5.50
N LEU B 56 13.52 -24.85 -4.60
CA LEU B 56 13.00 -24.23 -3.39
C LEU B 56 11.93 -23.19 -3.72
N LYS B 57 12.18 -22.37 -4.74
CA LYS B 57 11.25 -21.34 -5.12
C LYS B 57 9.90 -21.98 -5.52
N ARG B 58 9.87 -22.78 -6.60
CA ARG B 58 8.70 -23.62 -6.96
C ARG B 58 7.98 -24.28 -5.77
N LEU B 59 8.73 -24.92 -4.87
CA LEU B 59 8.13 -25.55 -3.69
C LEU B 59 7.48 -24.54 -2.70
N HIS B 60 8.20 -23.45 -2.35
CA HIS B 60 7.64 -22.34 -1.49
C HIS B 60 6.32 -21.83 -2.08
N ASP B 61 6.28 -21.76 -3.42
CA ASP B 61 5.20 -21.18 -4.23
C ASP B 61 3.97 -22.05 -4.26
N GLU B 62 4.13 -23.34 -4.00
CA GLU B 62 3.10 -24.30 -4.41
C GLU B 62 1.79 -24.21 -3.65
N LYS B 63 0.73 -24.02 -4.43
CA LYS B 63 -0.65 -24.05 -3.96
C LYS B 63 -1.04 -25.42 -3.35
N GLU B 64 -1.46 -25.38 -2.08
CA GLU B 64 -1.84 -26.56 -1.30
C GLU B 64 -2.44 -27.74 -2.08
N GLU B 65 -3.36 -27.44 -2.99
CA GLU B 65 -4.10 -28.47 -3.72
C GLU B 65 -3.40 -29.03 -4.98
N THR B 66 -2.15 -28.64 -5.18
CA THR B 66 -1.36 -29.15 -6.30
C THR B 66 0.02 -29.57 -5.76
N SER B 67 0.19 -29.39 -4.45
CA SER B 67 1.40 -29.72 -3.71
C SER B 67 1.61 -31.22 -3.58
N GLY B 68 2.85 -31.68 -3.67
CA GLY B 68 3.19 -33.08 -3.44
C GLY B 68 3.22 -33.40 -1.96
N ASN B 69 2.95 -34.67 -1.64
CA ASN B 69 2.98 -35.20 -0.25
C ASN B 69 4.34 -35.04 0.47
N TYR B 70 5.42 -34.87 -0.29
CA TYR B 70 6.77 -34.74 0.24
C TYR B 70 7.37 -33.37 0.03
N ASP B 71 6.55 -32.38 -0.33
CA ASP B 71 7.07 -31.02 -0.52
C ASP B 71 7.88 -30.49 0.64
N SER B 72 7.31 -30.60 1.84
CA SER B 72 7.95 -30.04 3.02
C SER B 72 9.23 -30.81 3.37
N ARG B 73 9.29 -32.10 3.02
CA ARG B 73 10.47 -32.95 3.25
C ARG B 73 11.58 -32.49 2.33
N ASN B 74 11.22 -32.23 1.07
CA ASN B 74 12.15 -31.72 0.07
C ASN B 74 12.63 -30.28 0.33
N GLN B 75 11.72 -29.37 0.73
CA GLN B 75 12.17 -28.04 1.18
C GLN B 75 13.17 -28.19 2.30
N HIS B 76 12.83 -28.98 3.31
CA HIS B 76 13.72 -29.16 4.43
C HIS B 76 15.09 -29.71 4.01
N GLU B 77 15.14 -30.76 3.20
CA GLU B 77 16.42 -31.29 2.70
C GLU B 77 17.28 -30.29 1.85
N ILE B 78 16.62 -29.39 1.10
CA ILE B 78 17.36 -28.29 0.46
C ILE B 78 18.01 -27.40 1.54
N ILE B 79 17.27 -27.05 2.59
CA ILE B 79 17.86 -26.27 3.72
C ILE B 79 19.07 -26.98 4.32
N ARG B 80 19.00 -28.30 4.41
CA ARG B 80 20.17 -29.08 4.84
C ARG B 80 21.34 -29.03 3.88
N CYS B 81 21.06 -28.94 2.58
CA CYS B 81 22.05 -28.76 1.55
C CYS B 81 22.63 -27.34 1.57
N LEU B 82 21.77 -26.33 1.78
CA LEU B 82 22.20 -24.90 1.96
C LEU B 82 23.18 -24.79 3.12
N LYS B 83 22.81 -25.34 4.25
CA LYS B 83 23.70 -25.41 5.39
C LYS B 83 25.07 -26.05 5.11
N ALA B 84 25.10 -27.13 4.33
CA ALA B 84 26.35 -27.83 4.01
C ALA B 84 27.20 -26.98 3.05
N PHE B 85 26.56 -26.44 2.01
CA PHE B 85 27.15 -25.54 1.04
C PHE B 85 27.78 -24.34 1.74
N MET B 86 27.13 -23.83 2.77
CA MET B 86 27.58 -22.65 3.47
C MET B 86 28.63 -22.87 4.59
N ASN B 87 29.00 -24.14 4.81
N ASN B 87 29.04 -24.10 4.84
CA ASN B 87 29.96 -24.52 5.84
CA ASN B 87 29.94 -24.35 5.97
C ASN B 87 31.39 -24.28 5.40
C ASN B 87 31.39 -23.95 5.66
N ASN B 88 31.58 -23.29 4.53
CA ASN B 88 32.89 -22.93 4.08
C ASN B 88 32.84 -21.52 3.49
N LYS B 89 34.01 -20.94 3.31
CA LYS B 89 34.12 -19.56 2.92
C LYS B 89 33.60 -19.29 1.50
N PHE B 90 33.97 -20.18 0.56
CA PHE B 90 33.47 -20.05 -0.81
C PHE B 90 31.94 -20.11 -0.84
N GLY B 91 31.36 -21.12 -0.17
CA GLY B 91 29.91 -21.36 -0.19
C GLY B 91 29.08 -20.29 0.48
N ILE B 92 29.51 -19.86 1.68
CA ILE B 92 28.82 -18.74 2.34
C ILE B 92 28.92 -17.48 1.48
N LYS B 93 30.11 -17.19 0.95
CA LYS B 93 30.27 -16.05 0.05
C LYS B 93 29.38 -16.14 -1.17
N THR B 94 29.36 -17.27 -1.87
CA THR B 94 28.45 -17.35 -3.02
C THR B 94 26.93 -17.29 -2.67
N MET B 95 26.54 -17.79 -1.50
CA MET B 95 25.18 -17.61 -1.03
C MET B 95 24.82 -16.10 -0.89
N LEU B 96 25.69 -15.32 -0.25
CA LEU B 96 25.49 -13.87 -0.08
C LEU B 96 25.33 -13.14 -1.37
N GLU B 97 25.93 -13.68 -2.43
CA GLU B 97 25.92 -13.08 -3.74
C GLU B 97 24.64 -13.35 -4.51
N THR B 98 23.83 -14.31 -4.09
CA THR B 98 22.64 -14.64 -4.89
C THR B 98 21.61 -13.51 -4.80
N GLU B 99 20.73 -13.43 -5.79
CA GLU B 99 19.63 -12.47 -5.71
C GLU B 99 18.65 -12.81 -4.58
N GLU B 100 18.36 -14.09 -4.35
CA GLU B 100 17.21 -14.48 -3.51
C GLU B 100 17.47 -15.52 -2.46
N GLY B 101 18.72 -15.93 -2.31
CA GLY B 101 19.03 -16.93 -1.30
C GLY B 101 18.53 -16.61 0.11
N ILE B 102 18.79 -15.39 0.56
CA ILE B 102 18.43 -15.00 1.92
C ILE B 102 16.91 -15.00 2.09
N LEU B 103 16.22 -14.41 1.13
CA LEU B 103 14.78 -14.43 1.10
C LEU B 103 14.21 -15.85 1.13
N LEU B 104 14.79 -16.78 0.38
CA LEU B 104 14.28 -18.13 0.30
C LEU B 104 14.51 -18.85 1.62
N LEU B 105 15.57 -18.47 2.30
CA LEU B 105 15.86 -18.95 3.64
C LEU B 105 14.81 -18.47 4.65
N VAL B 106 14.44 -17.21 4.51
CA VAL B 106 13.47 -16.58 5.38
C VAL B 106 12.10 -17.24 5.14
N ARG B 107 11.78 -17.53 3.88
CA ARG B 107 10.51 -18.16 3.60
C ARG B 107 10.44 -19.62 4.08
N ALA B 108 11.60 -20.26 4.31
CA ALA B 108 11.69 -21.57 4.95
C ALA B 108 11.31 -21.50 6.45
N MET B 109 11.28 -20.30 7.01
CA MET B 109 10.90 -20.13 8.43
C MET B 109 9.40 -20.20 8.58
N ASP B 110 8.91 -21.42 8.46
CA ASP B 110 7.51 -21.65 8.52
C ASP B 110 7.18 -22.37 9.84
N PRO B 111 6.43 -21.70 10.73
CA PRO B 111 6.07 -22.34 12.02
C PRO B 111 5.28 -23.63 11.86
N ALA B 112 4.63 -23.87 10.73
CA ALA B 112 3.98 -25.19 10.50
C ALA B 112 4.98 -26.35 10.28
N VAL B 113 6.19 -26.04 9.81
CA VAL B 113 7.29 -27.00 9.74
C VAL B 113 8.49 -26.54 10.61
N PRO B 114 8.31 -26.69 11.93
CA PRO B 114 9.22 -26.18 12.95
C PRO B 114 10.68 -26.54 12.76
N ASN B 115 10.93 -27.75 12.29
CA ASN B 115 12.29 -28.24 12.22
C ASN B 115 13.03 -27.63 11.08
N MET B 116 12.33 -27.33 9.99
CA MET B 116 12.92 -26.52 8.93
C MET B 116 13.18 -25.07 9.37
N MET B 117 12.19 -24.47 10.03
CA MET B 117 12.34 -23.16 10.63
C MET B 117 13.57 -23.03 11.53
N ILE B 118 13.78 -23.98 12.45
CA ILE B 118 15.01 -24.06 13.26
C ILE B 118 16.30 -24.00 12.44
N ASP B 119 16.40 -24.81 11.39
CA ASP B 119 17.61 -24.90 10.52
C ASP B 119 17.85 -23.61 9.77
N ALA B 120 16.77 -23.03 9.24
CA ALA B 120 16.78 -21.75 8.51
C ALA B 120 17.13 -20.53 9.41
N ALA B 121 16.52 -20.47 10.58
CA ALA B 121 16.75 -19.39 11.54
C ALA B 121 18.22 -19.43 11.99
N LYS B 122 18.75 -20.64 12.19
CA LYS B 122 20.15 -20.87 12.59
C LYS B 122 21.12 -20.40 11.51
N LEU B 123 20.75 -20.60 10.24
CA LEU B 123 21.57 -20.10 9.13
C LEU B 123 21.49 -18.59 9.01
N LEU B 124 20.30 -18.04 9.18
CA LEU B 124 20.11 -16.58 9.18
C LEU B 124 20.83 -15.85 10.32
N SER B 125 20.76 -16.38 11.53
CA SER B 125 21.59 -15.92 12.65
C SER B 125 23.11 -15.92 12.28
N ALA B 126 23.59 -16.98 11.62
CA ALA B 126 24.99 -17.03 11.23
C ALA B 126 25.36 -15.98 10.17
N LEU B 127 24.40 -15.66 9.32
CA LEU B 127 24.54 -14.57 8.37
C LEU B 127 24.59 -13.19 9.03
N CYS B 128 23.68 -12.94 9.95
CA CYS B 128 23.64 -11.70 10.73
C CYS B 128 24.93 -11.42 11.48
N ILE B 129 25.57 -12.46 12.02
CA ILE B 129 26.72 -12.32 12.87
C ILE B 129 28.04 -12.14 12.10
N LEU B 130 28.06 -12.47 10.81
CA LEU B 130 29.24 -12.17 9.96
C LEU B 130 29.65 -10.70 10.08
N PRO B 131 30.92 -10.43 10.41
CA PRO B 131 31.43 -9.05 10.42
C PRO B 131 31.56 -8.44 9.03
N GLN B 132 31.61 -9.28 7.99
CA GLN B 132 31.86 -8.86 6.63
C GLN B 132 31.00 -9.75 5.69
N PRO B 133 30.13 -9.18 4.84
CA PRO B 133 29.82 -7.72 4.77
C PRO B 133 29.32 -7.10 6.09
N GLU B 134 29.32 -5.77 6.12
CA GLU B 134 29.02 -5.05 7.38
C GLU B 134 27.54 -4.78 7.67
N ASP B 135 26.67 -5.06 6.72
CA ASP B 135 25.24 -4.77 6.88
C ASP B 135 24.41 -6.03 6.73
N MET B 136 24.93 -7.17 7.23
CA MET B 136 24.26 -8.47 7.06
C MET B 136 22.92 -8.58 7.76
N ASN B 137 22.81 -7.97 8.95
CA ASN B 137 21.52 -7.91 9.67
C ASN B 137 20.46 -7.12 8.89
N GLU B 138 20.89 -6.09 8.16
CA GLU B 138 20.03 -5.29 7.30
C GLU B 138 19.62 -6.04 6.02
N ARG B 139 20.49 -6.91 5.53
N ARG B 139 20.48 -6.92 5.52
CA ARG B 139 20.16 -7.76 4.38
CA ARG B 139 20.11 -7.77 4.39
C ARG B 139 19.15 -8.84 4.80
C ARG B 139 19.08 -8.80 4.82
N VAL B 140 19.25 -9.31 6.03
CA VAL B 140 18.31 -10.29 6.56
C VAL B 140 16.96 -9.63 6.87
N LEU B 141 16.98 -8.47 7.53
CA LEU B 141 15.75 -7.68 7.77
C LEU B 141 15.04 -7.32 6.48
N GLU B 142 15.80 -6.99 5.46
CA GLU B 142 15.24 -6.70 4.15
C GLU B 142 14.45 -7.90 3.62
N ALA B 143 15.07 -9.07 3.64
CA ALA B 143 14.44 -10.36 3.29
C ALA B 143 13.18 -10.65 4.13
N MET B 144 13.23 -10.30 5.41
CA MET B 144 12.05 -10.47 6.29
C MET B 144 10.90 -9.58 5.93
N THR B 145 11.18 -8.35 5.50
CA THR B 145 10.20 -7.41 5.03
C THR B 145 9.58 -7.86 3.73
N GLU B 146 10.39 -8.29 2.76
CA GLU B 146 9.87 -8.85 1.49
C GLU B 146 8.96 -10.07 1.73
N ARG B 147 9.35 -10.98 2.60
CA ARG B 147 8.50 -12.11 2.97
C ARG B 147 7.16 -11.68 3.59
N ALA B 148 7.22 -10.81 4.60
CA ALA B 148 6.03 -10.23 5.22
C ALA B 148 5.05 -9.64 4.21
N GLU B 149 5.54 -8.93 3.20
CA GLU B 149 4.71 -8.37 2.15
C GLU B 149 4.01 -9.44 1.31
N MET B 150 4.70 -10.54 1.00
CA MET B 150 4.11 -11.58 0.16
C MET B 150 3.00 -12.28 0.90
N ASP B 151 3.38 -12.81 2.07
CA ASP B 151 2.52 -13.62 2.91
C ASP B 151 1.51 -12.73 3.66
N GLU B 152 1.67 -11.42 3.50
CA GLU B 152 0.78 -10.41 4.09
C GLU B 152 0.77 -10.27 5.62
N VAL B 153 1.89 -10.61 6.27
CA VAL B 153 1.97 -10.68 7.72
C VAL B 153 2.92 -9.61 8.35
N GLU B 154 2.95 -9.45 9.67
CA GLU B 154 3.98 -8.62 10.32
C GLU B 154 5.31 -9.32 10.21
N ARG B 155 6.37 -8.59 9.87
CA ARG B 155 7.64 -9.23 9.57
C ARG B 155 8.25 -10.06 10.69
N PHE B 156 7.98 -9.68 11.94
CA PHE B 156 8.47 -10.42 13.12
C PHE B 156 7.44 -11.41 13.68
N GLN B 157 6.29 -11.53 13.02
CA GLN B 157 5.29 -12.49 13.48
C GLN B 157 5.78 -13.97 13.47
N PRO B 158 6.34 -14.46 12.35
CA PRO B 158 6.85 -15.83 12.36
C PRO B 158 7.82 -16.09 13.53
N LEU B 159 8.61 -15.09 13.92
CA LEU B 159 9.56 -15.24 15.05
C LEU B 159 8.83 -15.30 16.38
N LEU B 160 7.78 -14.47 16.54
CA LEU B 160 6.97 -14.53 17.74
C LEU B 160 6.17 -15.83 17.76
N ASP B 161 5.76 -16.29 16.56
CA ASP B 161 5.12 -17.60 16.45
C ASP B 161 5.96 -18.76 17.02
N GLY B 162 7.27 -18.72 16.80
CA GLY B 162 8.19 -19.76 17.21
C GLY B 162 8.45 -19.72 18.69
N LEU B 163 8.15 -18.56 19.28
CA LEU B 163 8.21 -18.40 20.74
C LEU B 163 6.97 -18.84 21.52
N LYS B 164 5.85 -19.09 20.84
CA LYS B 164 4.62 -19.60 21.47
C LYS B 164 4.81 -20.85 22.37
N SER B 165 3.99 -20.99 23.40
CA SER B 165 4.20 -22.06 24.38
C SER B 165 4.20 -23.47 23.82
N GLY B 166 3.36 -23.74 22.81
CA GLY B 166 3.24 -25.08 22.25
C GLY B 166 4.44 -25.55 21.46
N THR B 167 5.34 -24.63 21.12
CA THR B 167 6.49 -25.00 20.28
C THR B 167 7.56 -25.75 21.07
N SER B 168 8.48 -26.39 20.36
CA SER B 168 9.59 -27.05 21.01
C SER B 168 10.59 -26.00 21.53
N ILE B 169 11.42 -26.40 22.50
CA ILE B 169 12.40 -25.50 23.11
C ILE B 169 13.48 -25.09 22.09
N ALA B 170 13.90 -26.02 21.23
CA ALA B 170 14.84 -25.75 20.16
C ALA B 170 14.35 -24.62 19.24
N LEU B 171 13.05 -24.58 18.98
CA LEU B 171 12.46 -23.55 18.14
C LEU B 171 12.47 -22.19 18.82
N LYS B 172 12.07 -22.18 20.09
CA LYS B 172 12.03 -20.95 20.93
C LYS B 172 13.41 -20.34 21.02
N VAL B 173 14.39 -21.18 21.27
CA VAL B 173 15.78 -20.77 21.42
C VAL B 173 16.31 -20.25 20.10
N GLY B 174 15.97 -20.93 19.00
CA GLY B 174 16.36 -20.49 17.66
C GLY B 174 15.79 -19.12 17.24
N CYS B 175 14.52 -18.87 17.58
CA CYS B 175 13.85 -17.61 17.30
C CYS B 175 14.42 -16.42 18.08
N LEU B 176 14.62 -16.61 19.39
CA LEU B 176 15.32 -15.64 20.22
C LEU B 176 16.78 -15.41 19.82
N GLN B 177 17.48 -16.45 19.36
CA GLN B 177 18.84 -16.27 18.91
C GLN B 177 18.86 -15.37 17.68
N LEU B 178 17.88 -15.53 16.80
CA LEU B 178 17.79 -14.75 15.59
C LEU B 178 17.36 -13.28 15.87
N ILE B 179 16.44 -13.07 16.80
CA ILE B 179 16.16 -11.77 17.32
C ILE B 179 17.45 -11.11 17.84
N ASN B 180 18.19 -11.82 18.69
CA ASN B 180 19.46 -11.32 19.18
C ASN B 180 20.45 -10.92 18.07
N ALA B 181 20.52 -11.74 17.02
CA ALA B 181 21.45 -11.58 15.90
C ALA B 181 21.03 -10.40 15.01
N LEU B 182 19.75 -10.02 15.01
CA LEU B 182 19.33 -8.84 14.28
C LEU B 182 19.75 -7.54 15.00
N ILE B 183 19.76 -7.59 16.34
CA ILE B 183 19.91 -6.39 17.16
C ILE B 183 21.37 -6.17 17.56
N THR B 184 21.94 -7.21 18.11
CA THR B 184 23.26 -7.18 18.73
C THR B 184 24.41 -6.73 17.80
N PRO B 185 24.49 -7.21 16.55
CA PRO B 185 25.56 -6.73 15.67
C PRO B 185 25.35 -5.30 15.15
N ALA B 186 24.19 -4.70 15.39
CA ALA B 186 23.92 -3.39 14.84
C ALA B 186 24.78 -2.36 15.55
N GLU B 187 25.48 -1.57 14.76
CA GLU B 187 26.37 -0.51 15.26
C GLU B 187 25.60 0.62 15.98
N GLU B 188 24.42 0.98 15.48
CA GLU B 188 23.73 2.18 15.95
C GLU B 188 22.66 1.90 16.98
N LEU B 189 22.77 2.54 18.12
CA LEU B 189 21.76 2.49 19.17
C LEU B 189 20.33 2.70 18.60
N ASP B 190 20.17 3.66 17.68
CA ASP B 190 18.87 4.02 17.02
C ASP B 190 18.23 2.80 16.40
N PHE B 191 19.08 2.04 15.72
CA PHE B 191 18.68 0.87 15.04
C PHE B 191 18.28 -0.27 16.00
N ARG B 192 19.06 -0.45 17.07
CA ARG B 192 18.72 -1.50 18.02
C ARG B 192 17.38 -1.17 18.68
N VAL B 193 17.15 0.10 19.03
CA VAL B 193 15.94 0.55 19.70
C VAL B 193 14.69 0.45 18.78
N HIS B 194 14.91 0.70 17.49
CA HIS B 194 13.94 0.62 16.43
C HIS B 194 13.41 -0.82 16.35
N ILE B 195 14.33 -1.78 16.28
CA ILE B 195 13.96 -3.18 16.16
C ILE B 195 13.26 -3.67 17.44
N ARG B 196 13.86 -3.35 18.60
CA ARG B 196 13.39 -3.84 19.88
C ARG B 196 12.02 -3.26 20.15
N SER B 197 11.85 -1.97 19.83
CA SER B 197 10.57 -1.26 19.98
C SER B 197 9.44 -1.90 19.19
N GLU B 198 9.74 -2.24 17.94
CA GLU B 198 8.83 -2.93 17.05
C GLU B 198 8.43 -4.29 17.61
N LEU B 199 9.40 -5.08 18.04
CA LEU B 199 9.16 -6.35 18.77
C LEU B 199 8.20 -6.15 19.96
N MET B 200 8.50 -5.11 20.74
CA MET B 200 7.71 -4.80 21.88
C MET B 200 6.24 -4.47 21.53
N ARG B 201 6.03 -3.64 20.50
CA ARG B 201 4.65 -3.26 20.06
C ARG B 201 3.91 -4.48 19.53
N LEU B 202 4.66 -5.44 19.04
CA LEU B 202 4.07 -6.71 18.59
C LEU B 202 3.76 -7.66 19.77
N GLY B 203 4.09 -7.27 21.00
CA GLY B 203 3.87 -8.07 22.18
C GLY B 203 5.02 -8.91 22.75
N LEU B 204 6.28 -8.63 22.40
CA LEU B 204 7.39 -9.48 22.86
C LEU B 204 7.49 -9.55 24.39
N HIS B 205 7.06 -8.51 25.09
CA HIS B 205 7.27 -8.44 26.54
C HIS B 205 6.54 -9.57 27.27
N GLN B 206 5.23 -9.67 27.04
CA GLN B 206 4.46 -10.77 27.64
C GLN B 206 5.00 -12.13 27.23
N VAL B 207 5.40 -12.25 25.96
CA VAL B 207 6.04 -13.47 25.48
C VAL B 207 7.32 -13.79 26.28
N LEU B 208 8.15 -12.79 26.53
CA LEU B 208 9.39 -12.98 27.26
C LEU B 208 9.17 -13.49 28.68
N GLN B 209 8.18 -12.92 29.39
CA GLN B 209 7.86 -13.31 30.77
C GLN B 209 7.58 -14.79 30.91
N GLU B 210 6.97 -15.38 29.88
CA GLU B 210 6.70 -16.82 29.87
C GLU B 210 7.94 -17.64 29.60
N LEU B 211 8.83 -17.13 28.74
CA LEU B 211 10.09 -17.80 28.47
C LEU B 211 11.01 -17.86 29.69
N ARG B 212 10.91 -16.81 30.53
CA ARG B 212 11.68 -16.71 31.75
C ARG B 212 11.40 -17.85 32.76
N GLU B 213 10.34 -18.61 32.48
CA GLU B 213 9.87 -19.68 33.32
C GLU B 213 10.40 -21.06 32.95
N ILE B 214 11.04 -21.15 31.79
CA ILE B 214 11.58 -22.38 31.28
C ILE B 214 12.94 -22.69 31.90
N GLU B 215 13.07 -23.92 32.42
CA GLU B 215 14.27 -24.47 33.03
C GLU B 215 15.11 -25.03 31.87
N ASN B 216 15.77 -24.16 31.13
CA ASN B 216 16.61 -24.57 30.01
C ASN B 216 17.71 -23.53 29.89
N GLU B 217 18.96 -24.00 29.93
CA GLU B 217 20.19 -23.22 29.90
C GLU B 217 20.34 -22.40 28.65
N ASP B 218 20.10 -23.04 27.52
CA ASP B 218 20.14 -22.31 26.24
C ASP B 218 19.11 -21.18 26.20
N MET B 219 17.90 -21.41 26.70
CA MET B 219 16.90 -20.36 26.71
C MET B 219 17.35 -19.24 27.65
N LYS B 220 17.88 -19.58 28.82
CA LYS B 220 18.38 -18.58 29.78
C LYS B 220 19.51 -17.70 29.19
N VAL B 221 20.40 -18.33 28.42
CA VAL B 221 21.45 -17.62 27.70
C VAL B 221 20.86 -16.60 26.75
N GLN B 222 19.91 -16.99 25.90
CA GLN B 222 19.35 -16.11 24.91
C GLN B 222 18.58 -14.95 25.54
N LEU B 223 17.93 -15.22 26.65
CA LEU B 223 17.26 -14.19 27.45
C LEU B 223 18.23 -13.21 28.11
N CYS B 224 19.30 -13.70 28.74
CA CYS B 224 20.33 -12.80 29.30
C CYS B 224 21.06 -11.93 28.28
N VAL B 225 21.32 -12.49 27.09
CA VAL B 225 21.92 -11.75 26.02
C VAL B 225 20.99 -10.61 25.59
N PHE B 226 19.69 -10.94 25.53
CA PHE B 226 18.66 -9.99 25.15
C PHE B 226 18.57 -8.87 26.20
N ASP B 227 18.62 -9.26 27.48
CA ASP B 227 18.47 -8.29 28.56
C ASP B 227 19.66 -7.40 28.71
N GLU B 228 20.84 -7.97 28.53
CA GLU B 228 22.06 -7.21 28.70
C GLU B 228 22.20 -6.12 27.62
N GLN B 229 21.86 -6.43 26.37
CA GLN B 229 21.80 -5.45 25.32
C GLN B 229 20.72 -4.42 25.55
N GLY B 230 19.54 -4.88 26.00
CA GLY B 230 18.45 -3.97 26.35
C GLY B 230 18.89 -2.99 27.43
N ASP B 231 19.52 -3.52 28.48
CA ASP B 231 20.05 -2.75 29.59
C ASP B 231 21.04 -1.67 29.13
N GLU B 232 22.08 -2.09 28.40
CA GLU B 232 23.03 -1.17 27.79
C GLU B 232 22.38 -0.08 26.98
N ASP B 233 21.42 -0.46 26.12
CA ASP B 233 20.68 0.50 25.30
C ASP B 233 19.91 1.50 26.14
N PHE B 234 19.17 1.02 27.14
CA PHE B 234 18.47 1.88 28.09
C PHE B 234 19.43 2.89 28.74
N PHE B 235 20.55 2.42 29.26
CA PHE B 235 21.56 3.32 29.79
C PHE B 235 22.22 4.27 28.76
N ASP B 236 22.45 3.84 27.52
CA ASP B 236 22.96 4.75 26.50
C ASP B 236 21.95 5.85 26.19
N LEU B 237 20.67 5.49 26.16
CA LEU B 237 19.58 6.40 25.79
C LEU B 237 19.24 7.37 26.92
N LYS B 238 19.31 6.88 28.16
CA LYS B 238 19.11 7.70 29.35
C LYS B 238 20.23 8.74 29.45
N GLY B 239 21.45 8.33 29.10
CA GLY B 239 22.58 9.24 28.91
C GLY B 239 22.29 10.39 27.94
N ARG B 240 21.43 10.15 26.95
CA ARG B 240 21.07 11.17 25.96
C ARG B 240 19.86 11.98 26.37
N LEU B 241 19.01 11.45 27.24
CA LEU B 241 17.74 12.11 27.53
C LEU B 241 17.50 12.48 29.01
N ASP B 242 18.06 11.69 29.93
CA ASP B 242 17.93 11.92 31.38
C ASP B 242 16.61 11.38 31.96
N MET B 246 11.72 7.85 32.79
CA MET B 246 12.26 7.30 31.55
C MET B 246 11.61 5.95 31.21
N GLU B 247 10.64 5.96 30.28
CA GLU B 247 9.98 4.73 29.75
C GLU B 247 9.52 4.89 28.29
N MET B 248 9.64 3.79 27.52
CA MET B 248 9.45 3.77 26.05
C MET B 248 8.03 3.50 25.55
N ASP B 249 7.21 2.82 26.33
CA ASP B 249 5.89 2.38 25.85
C ASP B 249 4.72 3.12 26.47
N ASP B 250 5.01 4.06 27.36
CA ASP B 250 3.95 4.94 27.88
C ASP B 250 3.79 6.18 27.00
N PHE B 251 2.59 6.37 26.46
CA PHE B 251 2.30 7.50 25.54
C PHE B 251 2.65 8.87 26.15
N GLY B 252 2.00 9.18 27.27
CA GLY B 252 2.23 10.42 28.01
C GLY B 252 3.64 10.64 28.50
N GLU B 253 4.31 9.58 28.96
CA GLU B 253 5.71 9.70 29.40
C GLU B 253 6.64 10.04 28.21
N VAL B 254 6.41 9.38 27.09
CA VAL B 254 7.21 9.57 25.87
C VAL B 254 6.99 10.99 25.35
N PHE B 255 5.73 11.41 25.27
CA PHE B 255 5.36 12.76 24.89
C PHE B 255 6.06 13.84 25.72
N GLN B 256 5.89 13.78 27.04
CA GLN B 256 6.55 14.69 27.98
C GLN B 256 8.08 14.79 27.76
N ILE B 257 8.73 13.67 27.49
CA ILE B 257 10.16 13.63 27.25
C ILE B 257 10.57 14.33 25.95
N ILE B 258 9.80 14.12 24.87
CA ILE B 258 9.97 14.91 23.65
C ILE B 258 9.82 16.42 23.97
N LEU B 259 8.70 16.81 24.61
CA LEU B 259 8.47 18.17 25.05
C LEU B 259 9.69 18.78 25.75
N ASN B 260 10.13 18.18 26.85
CA ASN B 260 11.32 18.59 27.59
C ASN B 260 12.56 18.71 26.72
N THR B 261 12.63 17.84 25.74
CA THR B 261 13.77 17.77 24.83
C THR B 261 13.79 18.98 23.89
N VAL B 262 12.61 19.39 23.42
CA VAL B 262 12.49 20.47 22.44
C VAL B 262 12.15 21.83 23.06
N LYS B 263 11.65 21.83 24.30
CA LYS B 263 11.16 23.02 25.01
C LYS B 263 12.15 24.19 24.94
N ASP B 264 11.62 25.36 24.55
CA ASP B 264 12.38 26.61 24.42
C ASP B 264 13.48 26.56 23.37
N SER B 265 13.31 25.74 22.35
CA SER B 265 14.30 25.68 21.28
C SER B 265 13.55 25.87 19.98
N LYS B 266 14.29 26.03 18.88
CA LYS B 266 13.71 26.13 17.52
C LYS B 266 13.01 24.85 16.99
N ALA B 267 13.21 23.73 17.67
CA ALA B 267 12.53 22.48 17.33
C ALA B 267 11.07 22.44 17.80
N GLU B 268 10.74 23.24 18.81
CA GLU B 268 9.42 23.19 19.45
C GLU B 268 8.24 23.63 18.56
N PRO B 269 8.35 24.74 17.80
CA PRO B 269 7.32 25.10 16.80
C PRO B 269 7.01 23.97 15.80
N HIS B 270 8.06 23.31 15.31
CA HIS B 270 7.94 22.20 14.40
C HIS B 270 7.27 20.99 15.04
N PHE B 271 7.57 20.70 16.29
CA PHE B 271 6.92 19.56 16.93
C PHE B 271 5.40 19.78 17.09
N LEU B 272 5.00 21.02 17.43
CA LEU B 272 3.58 21.35 17.57
C LEU B 272 2.86 21.20 16.25
N SER B 273 3.45 21.73 15.18
CA SER B 273 2.89 21.67 13.84
C SER B 273 2.80 20.23 13.33
N ILE B 274 3.75 19.39 13.71
CA ILE B 274 3.67 17.97 13.35
C ILE B 274 2.40 17.37 13.98
N LEU B 275 2.21 17.51 15.26
CA LEU B 275 0.99 17.07 15.94
C LEU B 275 -0.29 17.63 15.29
N GLN B 276 -0.23 18.85 14.85
CA GLN B 276 -1.41 19.48 14.28
C GLN B 276 -1.73 18.91 12.90
N HIS B 277 -0.70 18.54 12.15
CA HIS B 277 -0.87 17.96 10.85
C HIS B 277 -1.49 16.58 10.96
N LEU B 278 -1.23 15.88 12.09
CA LEU B 278 -1.83 14.58 12.37
C LEU B 278 -3.34 14.69 12.54
N LEU B 279 -3.78 15.82 13.06
CA LEU B 279 -5.21 16.08 13.16
C LEU B 279 -5.87 16.22 11.79
N LEU B 280 -5.11 16.57 10.76
CA LEU B 280 -5.65 16.69 9.38
C LEU B 280 -5.82 15.30 8.69
N VAL B 281 -5.25 14.26 9.26
CA VAL B 281 -5.31 12.94 8.64
C VAL B 281 -6.79 12.60 8.42
N ARG B 282 -7.12 12.40 7.15
CA ARG B 282 -8.43 11.96 6.71
C ARG B 282 -9.16 11.03 7.70
N ASN B 283 -10.35 11.45 8.10
CA ASN B 283 -11.20 10.71 9.03
C ASN B 283 -11.91 9.51 8.35
N ASP B 284 -11.11 8.50 8.03
CA ASP B 284 -11.60 7.33 7.33
C ASP B 284 -11.02 6.09 7.99
N TYR B 285 -11.89 5.11 8.21
CA TYR B 285 -11.53 3.89 8.91
C TYR B 285 -10.30 3.18 8.32
N GLU B 286 -10.25 3.05 6.99
CA GLU B 286 -9.20 2.34 6.27
C GLU B 286 -8.00 3.20 5.94
N ALA B 287 -8.23 4.48 5.59
CA ALA B 287 -7.08 5.35 5.21
C ALA B 287 -6.27 5.85 6.42
N ARG B 288 -6.94 6.18 7.52
CA ARG B 288 -6.20 6.74 8.66
C ARG B 288 -4.98 5.92 9.18
N PRO B 289 -5.12 4.61 9.43
CA PRO B 289 -3.97 3.80 9.84
C PRO B 289 -2.83 3.87 8.79
N GLN B 290 -3.19 3.98 7.52
CA GLN B 290 -2.19 3.99 6.49
C GLN B 290 -1.42 5.31 6.45
N TYR B 291 -2.10 6.40 6.81
CA TYR B 291 -1.45 7.69 6.90
C TYR B 291 -0.47 7.65 8.04
N TYR B 292 -0.89 7.15 9.18
CA TYR B 292 0.01 6.99 10.33
C TYR B 292 1.19 6.05 10.06
N LYS B 293 0.94 4.97 9.35
CA LYS B 293 1.98 4.01 8.99
C LYS B 293 3.06 4.68 8.14
N LEU B 294 2.62 5.40 7.11
CA LEU B 294 3.51 6.05 6.17
C LEU B 294 4.37 7.12 6.86
N ILE B 295 3.73 7.92 7.71
CA ILE B 295 4.41 8.95 8.47
C ILE B 295 5.48 8.33 9.36
N GLU B 296 5.11 7.21 9.99
CA GLU B 296 6.00 6.55 10.91
C GLU B 296 7.25 6.06 10.19
N GLU B 297 7.07 5.57 8.97
CA GLU B 297 8.14 4.94 8.23
C GLU B 297 9.06 5.99 7.64
N CYS B 298 8.53 7.18 7.39
CA CYS B 298 9.31 8.38 7.02
C CYS B 298 10.10 8.92 8.18
N VAL B 299 9.45 9.04 9.35
CA VAL B 299 10.14 9.45 10.59
C VAL B 299 11.28 8.50 10.97
N SER B 300 11.03 7.18 10.86
CA SER B 300 12.05 6.19 11.12
C SER B 300 13.22 6.34 10.17
N GLN B 301 12.96 6.39 8.86
CA GLN B 301 14.06 6.60 7.93
C GLN B 301 14.92 7.83 8.26
N ILE B 302 14.27 8.96 8.52
CA ILE B 302 14.96 10.25 8.86
C ILE B 302 15.92 10.13 10.06
N VAL B 303 15.46 9.44 11.07
CA VAL B 303 16.18 9.24 12.33
C VAL B 303 17.29 8.18 12.16
N LEU B 304 17.01 7.15 11.38
CA LEU B 304 17.92 6.03 11.17
C LEU B 304 19.00 6.29 10.14
N HIS B 305 18.80 7.25 9.25
CA HIS B 305 19.73 7.50 8.17
C HIS B 305 21.15 7.81 8.69
N LYS B 306 22.17 7.20 8.10
CA LYS B 306 23.56 7.39 8.51
C LYS B 306 24.45 7.40 7.29
N ASN B 307 24.93 8.59 6.93
CA ASN B 307 25.91 8.77 5.84
C ASN B 307 25.55 8.03 4.54
N GLY B 308 24.41 8.35 3.92
CA GLY B 308 23.94 7.66 2.71
C GLY B 308 23.25 6.29 2.87
N THR B 309 23.20 5.76 4.09
CA THR B 309 22.62 4.44 4.32
C THR B 309 21.28 4.55 5.01
N ASP B 310 20.30 3.79 4.49
CA ASP B 310 19.00 3.62 5.12
C ASP B 310 18.89 2.17 5.53
N PRO B 311 19.15 1.90 6.82
CA PRO B 311 19.39 0.54 7.27
C PRO B 311 18.18 -0.41 7.17
N ASP B 312 16.98 0.14 7.20
CA ASP B 312 15.74 -0.62 7.20
C ASP B 312 14.99 -0.46 5.88
N PHE B 313 14.89 -1.54 5.12
CA PHE B 313 14.23 -1.63 3.80
C PHE B 313 12.78 -1.12 3.77
N LYS B 314 12.10 -1.23 4.90
CA LYS B 314 10.70 -0.87 5.05
C LYS B 314 10.52 0.64 5.22
N CYS B 315 11.62 1.30 5.60
CA CYS B 315 11.68 2.72 5.80
C CYS B 315 12.64 3.33 4.76
N ARG B 316 12.19 3.33 3.50
CA ARG B 316 13.00 3.87 2.38
C ARG B 316 12.11 4.62 1.39
N HIS B 317 11.04 5.22 1.91
CA HIS B 317 10.11 6.01 1.11
C HIS B 317 10.74 7.26 0.52
N LEU B 318 11.75 7.80 1.19
CA LEU B 318 12.38 9.06 0.71
C LEU B 318 13.69 8.78 0.00
N GLN B 319 13.77 9.22 -1.24
CA GLN B 319 14.98 9.18 -2.04
C GLN B 319 15.79 10.48 -1.84
N ILE B 320 16.31 10.64 -0.62
CA ILE B 320 16.98 11.84 -0.15
C ILE B 320 18.19 11.38 0.66
N ASP B 321 19.34 12.01 0.44
CA ASP B 321 20.51 11.88 1.33
C ASP B 321 20.23 12.70 2.58
N ILE B 322 19.51 12.13 3.53
CA ILE B 322 19.01 12.88 4.69
C ILE B 322 20.08 13.71 5.42
N GLU B 323 21.21 13.10 5.79
CA GLU B 323 22.24 13.85 6.56
C GLU B 323 22.87 15.01 5.75
N ARG B 324 23.15 14.73 4.47
CA ARG B 324 23.57 15.71 3.51
C ARG B 324 22.58 16.89 3.44
N LEU B 325 21.28 16.56 3.37
CA LEU B 325 20.19 17.55 3.40
C LEU B 325 20.21 18.38 4.69
N VAL B 326 20.15 17.71 5.83
CA VAL B 326 20.26 18.36 7.13
C VAL B 326 21.53 19.23 7.22
N ASP B 327 22.66 18.76 6.68
CA ASP B 327 23.88 19.59 6.66
C ASP B 327 23.70 20.90 5.85
N GLN B 328 23.10 20.77 4.67
CA GLN B 328 22.70 21.92 3.88
C GLN B 328 21.72 22.84 4.62
N MET B 329 20.74 22.27 5.32
CA MET B 329 19.84 23.09 6.13
C MET B 329 20.60 23.84 7.27
N ILE B 330 21.52 23.17 7.97
CA ILE B 330 22.40 23.84 8.97
C ILE B 330 23.21 25.01 8.39
N ASP B 331 23.86 24.72 7.26
CA ASP B 331 24.59 25.68 6.41
C ASP B 331 23.82 26.96 6.12
N LYS B 332 22.52 26.84 5.90
CA LYS B 332 21.69 27.96 5.54
C LYS B 332 21.41 28.85 6.76
N THR B 333 21.22 28.20 7.92
CA THR B 333 21.07 28.89 9.20
C THR B 333 22.34 29.60 9.67
N LYS B 334 23.53 29.11 9.27
CA LYS B 334 24.75 29.81 9.71
C LYS B 334 25.16 30.96 8.74
N VAL B 335 24.70 30.88 7.48
CA VAL B 335 24.92 31.94 6.53
C VAL B 335 23.99 33.08 6.98
N GLU B 336 22.71 32.79 7.23
CA GLU B 336 21.81 33.83 7.73
C GLU B 336 22.33 34.50 9.01
N LYS B 337 22.90 33.70 9.93
CA LYS B 337 23.40 34.22 11.20
C LYS B 337 24.62 35.15 11.09
N SER B 338 25.60 34.77 10.23
CA SER B 338 26.86 35.53 10.11
C SER B 338 26.61 36.70 9.15
N GLU B 339 25.66 36.54 8.18
CA GLU B 339 25.32 37.63 7.22
C GLU B 339 24.60 38.68 7.99
N ALA B 340 23.61 38.25 8.79
CA ALA B 340 22.93 39.14 9.75
C ALA B 340 23.92 39.90 10.63
N LYS B 341 24.95 39.15 11.10
CA LYS B 341 25.98 39.73 11.99
C LYS B 341 26.98 40.66 11.24
N ALA B 342 27.23 40.45 9.91
CA ALA B 342 28.19 41.31 9.14
C ALA B 342 27.50 42.63 8.79
N THR B 343 26.20 42.54 8.40
CA THR B 343 25.41 43.75 8.09
C THR B 343 25.41 44.68 9.30
N GLU B 344 25.28 44.07 10.47
CA GLU B 344 25.25 44.83 11.73
C GLU B 344 26.63 44.88 12.38
#